data_7LUB
#
_entry.id   7LUB
#
_cell.length_a   190.903
_cell.length_b   190.903
_cell.length_c   116.243
_cell.angle_alpha   90.000
_cell.angle_beta   90.000
_cell.angle_gamma   120.000
#
_symmetry.space_group_name_H-M   'P 65 2 2'
#
loop_
_entity.id
_entity.type
_entity.pdbx_description
1 polymer 'Fumarate hydratase, mitochondrial'
2 non-polymer 'D-2-AMINO-3-PHOSPHONO-PROPIONIC ACID'
3 non-polymer GLYCEROL
4 water water
#
_entity_poly.entity_id   1
_entity_poly.type   'polypeptide(L)'
_entity_poly.pdbx_seq_one_letter_code
;ASQNSFRIEYDTFGELKVPNDKYYGAQTVRSTMNFKIGGVTERMPTPVIKAFGILKRAAAEVNQDYGLDPKIANAIMKAA
DEVAEGKLNDHFPLVVWQTGSGTQTNMNVNEVISNRAIEMLGGELGSKIPVHPNDHVNKSQSSNDTFPTAMHIAAAIEVH
EVLLPGLQKLHDALDAKSKEFAQIIKIGRTHTQDAVPLTLGQEFSGYVQQVKYAMTRIKAAMPRIYELAAGGTAVGTGLN
TRIGFAEKVAAKVAALTGLPFVTAPNKFEALAAHDALVELSGAMNTTACSLMKIANDIRFLGSGPRSGLGELILPENEPG
SSIMPGKVNPTQCEAMTMVAAQVMGNHVAVTVGGSNGHFELNVFKPMMIKNVLHSARLLGDASVSFTENCVVGIQANTER
INKLMNESLMLVTALNPHIGYDKAAKIAKTAHKNGSTLKETAIELGYLTAEQFDEWVKPKDMLGPK
;
_entity_poly.pdbx_strand_id   A,B
#
loop_
_chem_comp.id
_chem_comp.type
_chem_comp.name
_chem_comp.formula
GOL non-polymer GLYCEROL 'C3 H8 O3'
#
# COMPACT_ATOMS: atom_id res chain seq x y z
N ASN A 4 -32.29 16.34 -31.96
CA ASN A 4 -33.69 16.82 -31.72
C ASN A 4 -34.66 15.64 -31.61
N SER A 5 -34.38 14.53 -32.31
CA SER A 5 -35.24 13.33 -32.42
C SER A 5 -35.23 12.53 -31.11
N PHE A 6 -36.38 12.43 -30.44
CA PHE A 6 -36.56 11.72 -29.14
C PHE A 6 -37.67 10.67 -29.27
N ARG A 7 -37.47 9.50 -28.64
CA ARG A 7 -38.55 8.52 -28.34
C ARG A 7 -39.00 8.78 -26.90
N ILE A 8 -40.04 8.08 -26.46
CA ILE A 8 -40.66 8.26 -25.11
C ILE A 8 -40.63 6.91 -24.39
N GLU A 9 -39.93 6.84 -23.26
CA GLU A 9 -39.95 5.68 -22.34
C GLU A 9 -40.59 6.14 -21.03
N TYR A 10 -40.97 5.18 -20.18
CA TYR A 10 -41.65 5.41 -18.89
C TYR A 10 -40.90 4.67 -17.79
N ASP A 11 -40.86 5.26 -16.59
CA ASP A 11 -40.62 4.56 -15.31
C ASP A 11 -41.77 4.95 -14.37
N THR A 12 -41.78 4.43 -13.15
CA THR A 12 -42.88 4.62 -12.17
C THR A 12 -43.00 6.08 -11.74
N PHE A 13 -42.14 6.98 -12.25
CA PHE A 13 -42.06 8.41 -11.85
C PHE A 13 -42.58 9.34 -12.97
N GLY A 14 -42.67 8.86 -14.21
CA GLY A 14 -43.24 9.63 -15.33
C GLY A 14 -42.70 9.16 -16.67
N GLU A 15 -42.93 9.96 -17.71
CA GLU A 15 -42.45 9.74 -19.09
C GLU A 15 -41.11 10.47 -19.26
N LEU A 16 -40.21 9.91 -20.08
CA LEU A 16 -38.84 10.43 -20.32
C LEU A 16 -38.55 10.46 -21.83
N LYS A 17 -38.19 11.63 -22.35
CA LYS A 17 -37.62 11.80 -23.71
C LYS A 17 -36.23 11.13 -23.70
N VAL A 18 -36.01 10.16 -24.59
CA VAL A 18 -34.71 9.46 -24.81
C VAL A 18 -34.28 9.73 -26.24
N PRO A 19 -33.07 10.30 -26.49
CA PRO A 19 -32.59 10.49 -27.85
C PRO A 19 -32.67 9.19 -28.66
N ASN A 20 -33.23 9.26 -29.88
CA ASN A 20 -33.47 8.09 -30.77
C ASN A 20 -32.14 7.45 -31.17
N ASP A 21 -31.07 8.25 -31.23
CA ASP A 21 -29.69 7.80 -31.61
C ASP A 21 -28.93 7.27 -30.39
N LYS A 22 -29.60 6.98 -29.26
CA LYS A 22 -28.97 6.41 -28.03
C LYS A 22 -29.58 5.05 -27.70
N TYR A 23 -28.74 4.13 -27.21
CA TYR A 23 -29.11 2.74 -26.88
C TYR A 23 -29.49 2.64 -25.39
N TYR A 24 -29.28 3.70 -24.60
CA TYR A 24 -29.69 3.73 -23.17
C TYR A 24 -31.18 4.05 -23.09
N GLY A 25 -31.80 3.78 -21.94
CA GLY A 25 -33.26 3.86 -21.73
C GLY A 25 -33.65 4.75 -20.57
N ALA A 26 -34.81 4.48 -19.96
CA ALA A 26 -35.48 5.33 -18.95
C ALA A 26 -34.66 5.41 -17.66
N GLN A 27 -34.08 4.29 -17.21
CA GLN A 27 -33.27 4.23 -15.96
C GLN A 27 -32.06 5.18 -16.10
N THR A 28 -31.43 5.22 -17.28
CA THR A 28 -30.21 6.03 -17.54
C THR A 28 -30.55 7.52 -17.57
N VAL A 29 -31.62 7.90 -18.30
CA VAL A 29 -32.08 9.32 -18.41
C VAL A 29 -32.46 9.82 -17.01
N ARG A 30 -33.18 8.99 -16.23
CA ARG A 30 -33.57 9.29 -14.83
C ARG A 30 -32.31 9.56 -14.00
N SER A 31 -31.25 8.75 -14.21
CA SER A 31 -29.97 8.84 -13.49
C SER A 31 -29.22 10.12 -13.87
N THR A 32 -29.30 10.56 -15.12
CA THR A 32 -28.67 11.82 -15.62
C THR A 32 -29.35 13.02 -14.96
N MET A 33 -30.63 12.90 -14.62
CA MET A 33 -31.44 14.01 -14.02
C MET A 33 -31.09 14.14 -12.53
N ASN A 34 -30.76 13.01 -11.86
CA ASN A 34 -30.63 12.92 -10.38
C ASN A 34 -29.17 13.08 -9.92
N PHE A 35 -28.19 12.90 -10.80
CA PHE A 35 -26.74 12.89 -10.45
C PHE A 35 -25.97 13.79 -11.42
N LYS A 36 -26.21 15.09 -11.32
CA LYS A 36 -25.51 16.15 -12.10
C LYS A 36 -24.33 16.64 -11.26
N ILE A 37 -23.31 15.79 -11.07
CA ILE A 37 -22.12 16.08 -10.23
C ILE A 37 -20.87 15.96 -11.10
N GLY A 38 -20.22 17.09 -11.37
CA GLY A 38 -19.10 17.20 -12.33
C GLY A 38 -19.59 17.06 -13.75
N GLY A 39 -18.82 17.55 -14.72
CA GLY A 39 -19.19 17.47 -16.14
C GLY A 39 -18.88 16.10 -16.72
N VAL A 40 -18.62 16.07 -18.02
CA VAL A 40 -18.32 14.83 -18.81
C VAL A 40 -16.99 14.24 -18.32
N THR A 41 -16.12 15.05 -17.71
CA THR A 41 -14.80 14.62 -17.15
C THR A 41 -15.01 13.58 -16.04
N GLU A 42 -16.17 13.56 -15.40
CA GLU A 42 -16.47 12.69 -14.23
C GLU A 42 -17.24 11.43 -14.65
N ARG A 43 -17.43 11.20 -15.96
CA ARG A 43 -18.14 10.00 -16.49
C ARG A 43 -17.39 8.74 -16.05
N MET A 44 -18.14 7.68 -15.75
CA MET A 44 -17.59 6.34 -15.38
C MET A 44 -16.45 6.02 -16.35
N PRO A 45 -15.23 5.69 -15.86
CA PRO A 45 -14.11 5.36 -16.74
C PRO A 45 -14.43 4.22 -17.73
N THR A 46 -13.94 4.37 -18.96
CA THR A 46 -14.17 3.43 -20.10
C THR A 46 -13.80 2.00 -19.71
N PRO A 47 -12.65 1.75 -19.05
CA PRO A 47 -12.29 0.38 -18.65
C PRO A 47 -13.37 -0.34 -17.82
N VAL A 48 -14.13 0.38 -16.99
CA VAL A 48 -15.27 -0.18 -16.20
C VAL A 48 -16.38 -0.57 -17.18
N ILE A 49 -16.70 0.30 -18.14
CA ILE A 49 -17.75 0.06 -19.17
C ILE A 49 -17.35 -1.20 -19.96
N LYS A 50 -16.11 -1.26 -20.45
CA LYS A 50 -15.60 -2.40 -21.26
C LYS A 50 -15.66 -3.70 -20.44
N ALA A 51 -15.26 -3.64 -19.16
CA ALA A 51 -15.28 -4.79 -18.22
C ALA A 51 -16.72 -5.29 -18.03
N PHE A 52 -17.69 -4.38 -17.99
CA PHE A 52 -19.13 -4.70 -17.92
C PHE A 52 -19.52 -5.49 -19.18
N GLY A 53 -19.03 -5.04 -20.34
CA GLY A 53 -19.20 -5.75 -21.64
C GLY A 53 -18.74 -7.20 -21.55
N ILE A 54 -17.51 -7.42 -21.07
CA ILE A 54 -16.89 -8.77 -20.90
C ILE A 54 -17.79 -9.59 -19.97
N LEU A 55 -18.19 -8.99 -18.85
CA LEU A 55 -18.95 -9.64 -17.75
C LEU A 55 -20.33 -10.09 -18.22
N LYS A 56 -21.06 -9.21 -18.92
CA LYS A 56 -22.44 -9.48 -19.41
C LYS A 56 -22.38 -10.54 -20.52
N ARG A 57 -21.38 -10.44 -21.40
CA ARG A 57 -21.04 -11.47 -22.43
C ARG A 57 -20.92 -12.85 -21.74
N ALA A 58 -20.12 -12.94 -20.68
CA ALA A 58 -19.86 -14.19 -19.93
C ALA A 58 -21.17 -14.69 -19.31
N ALA A 59 -21.95 -13.81 -18.70
CA ALA A 59 -23.21 -14.14 -17.98
C ALA A 59 -24.25 -14.69 -18.97
N ALA A 60 -24.41 -14.04 -20.12
CA ALA A 60 -25.37 -14.41 -21.20
C ALA A 60 -25.08 -15.84 -21.68
N GLU A 61 -23.82 -16.12 -22.05
CA GLU A 61 -23.37 -17.46 -22.50
C GLU A 61 -23.65 -18.49 -21.40
N VAL A 62 -23.19 -18.23 -20.18
CA VAL A 62 -23.34 -19.17 -19.02
C VAL A 62 -24.83 -19.37 -18.71
N ASN A 63 -25.65 -18.34 -18.86
CA ASN A 63 -27.08 -18.37 -18.44
C ASN A 63 -27.89 -19.32 -19.33
N GLN A 64 -27.36 -19.71 -20.50
CA GLN A 64 -27.96 -20.73 -21.39
C GLN A 64 -28.12 -22.06 -20.64
N ASP A 65 -27.24 -22.34 -19.67
CA ASP A 65 -27.31 -23.53 -18.78
C ASP A 65 -28.50 -23.42 -17.81
N TYR A 66 -29.05 -22.22 -17.63
CA TYR A 66 -30.06 -21.90 -16.57
C TYR A 66 -31.31 -21.27 -17.19
N GLY A 67 -31.58 -21.57 -18.47
CA GLY A 67 -32.90 -21.38 -19.11
C GLY A 67 -32.97 -20.20 -20.06
N LEU A 68 -31.87 -19.51 -20.33
CA LEU A 68 -31.88 -18.32 -21.23
C LEU A 68 -31.92 -18.80 -22.69
N ASP A 69 -32.89 -18.30 -23.47
CA ASP A 69 -33.09 -18.63 -24.90
C ASP A 69 -31.80 -18.33 -25.66
N PRO A 70 -31.18 -19.36 -26.30
CA PRO A 70 -29.97 -19.16 -27.11
C PRO A 70 -30.02 -18.01 -28.13
N LYS A 71 -31.18 -17.79 -28.78
CA LYS A 71 -31.37 -16.70 -29.77
C LYS A 71 -31.09 -15.34 -29.08
N ILE A 72 -31.72 -15.13 -27.91
CA ILE A 72 -31.57 -13.90 -27.07
C ILE A 72 -30.12 -13.85 -26.58
N ALA A 73 -29.65 -14.92 -25.93
CA ALA A 73 -28.29 -15.06 -25.38
C ALA A 73 -27.25 -14.64 -26.43
N ASN A 74 -27.42 -15.10 -27.67
CA ASN A 74 -26.48 -14.84 -28.79
C ASN A 74 -26.41 -13.33 -29.08
N ALA A 75 -27.56 -12.66 -29.11
CA ALA A 75 -27.71 -11.22 -29.43
C ALA A 75 -27.09 -10.39 -28.29
N ILE A 76 -27.40 -10.75 -27.04
CA ILE A 76 -26.80 -10.14 -25.81
C ILE A 76 -25.26 -10.26 -25.91
N MET A 77 -24.74 -11.43 -26.32
CA MET A 77 -23.28 -11.69 -26.43
C MET A 77 -22.66 -10.75 -27.47
N LYS A 78 -23.32 -10.57 -28.62
CA LYS A 78 -22.81 -9.70 -29.73
C LYS A 78 -22.81 -8.24 -29.28
N ALA A 79 -23.87 -7.79 -28.62
CA ALA A 79 -24.04 -6.40 -28.12
C ALA A 79 -23.01 -6.14 -27.00
N ALA A 80 -22.88 -7.08 -26.05
CA ALA A 80 -21.89 -7.04 -24.94
C ALA A 80 -20.48 -6.91 -25.51
N ASP A 81 -20.16 -7.66 -26.56
CA ASP A 81 -18.83 -7.65 -27.24
C ASP A 81 -18.53 -6.25 -27.76
N GLU A 82 -19.54 -5.58 -28.31
CA GLU A 82 -19.41 -4.19 -28.88
C GLU A 82 -19.07 -3.22 -27.74
N VAL A 83 -19.72 -3.36 -26.59
CA VAL A 83 -19.44 -2.55 -25.36
C VAL A 83 -17.97 -2.80 -24.98
N ALA A 84 -17.57 -4.07 -24.85
CA ALA A 84 -16.22 -4.51 -24.44
C ALA A 84 -15.16 -3.97 -25.41
N GLU A 85 -15.49 -3.88 -26.70
CA GLU A 85 -14.57 -3.44 -27.78
C GLU A 85 -14.54 -1.91 -27.89
N GLY A 86 -15.33 -1.21 -27.06
CA GLY A 86 -15.35 0.27 -27.01
C GLY A 86 -16.04 0.88 -28.22
N LYS A 87 -17.03 0.18 -28.79
CA LYS A 87 -17.79 0.66 -29.97
C LYS A 87 -18.98 1.54 -29.54
N LEU A 88 -19.40 1.48 -28.27
CA LEU A 88 -20.66 2.12 -27.79
C LEU A 88 -20.37 3.07 -26.62
N ASN A 89 -19.21 3.73 -26.60
CA ASN A 89 -18.76 4.55 -25.45
C ASN A 89 -19.69 5.76 -25.27
N ASP A 90 -20.27 6.29 -26.36
CA ASP A 90 -21.14 7.49 -26.35
C ASP A 90 -22.50 7.19 -25.70
N HIS A 91 -22.81 5.92 -25.39
CA HIS A 91 -24.12 5.51 -24.81
C HIS A 91 -24.00 5.36 -23.29
N PHE A 92 -22.96 5.94 -22.69
CA PHE A 92 -22.68 5.88 -21.22
C PHE A 92 -22.41 7.29 -20.72
N PRO A 93 -23.48 8.04 -20.36
CA PRO A 93 -23.33 9.43 -19.92
C PRO A 93 -23.23 9.65 -18.41
N LEU A 94 -23.30 8.59 -17.60
CA LEU A 94 -23.40 8.66 -16.12
C LEU A 94 -22.01 8.92 -15.51
N VAL A 95 -22.01 9.67 -14.40
CA VAL A 95 -20.78 10.07 -13.66
C VAL A 95 -20.47 9.02 -12.59
N VAL A 96 -19.24 9.06 -12.08
CA VAL A 96 -18.73 8.27 -10.92
C VAL A 96 -19.61 8.55 -9.70
N TRP A 97 -20.03 9.81 -9.53
CA TRP A 97 -20.69 10.33 -8.29
C TRP A 97 -22.19 10.02 -8.36
N GLN A 98 -22.50 8.72 -8.29
CA GLN A 98 -23.84 8.12 -8.39
C GLN A 98 -24.04 7.26 -7.13
N THR A 99 -24.97 6.29 -7.17
N THR A 99 -24.97 6.30 -7.17
CA THR A 99 -25.14 5.25 -6.12
CA THR A 99 -25.12 5.21 -6.17
C THR A 99 -23.76 4.61 -5.86
C THR A 99 -23.75 4.62 -5.86
N GLY A 100 -23.47 4.32 -4.59
CA GLY A 100 -22.16 3.80 -4.15
C GLY A 100 -21.97 2.35 -4.53
N SER A 101 -23.04 1.68 -4.97
CA SER A 101 -23.05 0.29 -5.47
C SER A 101 -22.75 0.24 -6.97
N GLY A 102 -22.75 1.39 -7.65
CA GLY A 102 -22.63 1.48 -9.11
C GLY A 102 -23.87 0.94 -9.83
N THR A 103 -25.03 0.96 -9.16
CA THR A 103 -26.33 0.48 -9.69
C THR A 103 -26.68 1.22 -11.00
N GLN A 104 -26.51 2.54 -11.04
CA GLN A 104 -26.93 3.36 -12.22
C GLN A 104 -26.19 2.85 -13.46
N THR A 105 -24.88 2.59 -13.34
CA THR A 105 -24.01 2.13 -14.45
C THR A 105 -24.39 0.69 -14.86
N ASN A 106 -24.67 -0.19 -13.91
CA ASN A 106 -25.12 -1.57 -14.20
C ASN A 106 -26.40 -1.50 -15.06
N MET A 107 -27.36 -0.65 -14.66
CA MET A 107 -28.64 -0.42 -15.40
C MET A 107 -28.34 0.17 -16.78
N ASN A 108 -27.42 1.14 -16.84
CA ASN A 108 -26.97 1.79 -18.10
C ASN A 108 -26.46 0.69 -19.05
N VAL A 109 -25.64 -0.24 -18.53
CA VAL A 109 -25.06 -1.37 -19.32
C VAL A 109 -26.19 -2.30 -19.77
N ASN A 110 -27.09 -2.67 -18.84
CA ASN A 110 -28.25 -3.57 -19.10
C ASN A 110 -29.13 -2.99 -20.21
N GLU A 111 -29.38 -1.67 -20.19
CA GLU A 111 -30.26 -0.98 -21.16
C GLU A 111 -29.60 -0.92 -22.53
N VAL A 112 -28.32 -0.52 -22.60
CA VAL A 112 -27.56 -0.36 -23.88
C VAL A 112 -27.47 -1.72 -24.58
N ILE A 113 -27.10 -2.77 -23.86
CA ILE A 113 -26.95 -4.16 -24.40
C ILE A 113 -28.35 -4.64 -24.84
N SER A 114 -29.38 -4.38 -24.04
CA SER A 114 -30.80 -4.74 -24.33
C SER A 114 -31.24 -4.12 -25.67
N ASN A 115 -31.08 -2.81 -25.85
CA ASN A 115 -31.58 -2.06 -27.03
C ASN A 115 -30.74 -2.38 -28.27
N ARG A 116 -29.43 -2.57 -28.10
CA ARG A 116 -28.54 -2.93 -29.23
C ARG A 116 -28.88 -4.34 -29.71
N ALA A 117 -29.14 -5.26 -28.77
CA ALA A 117 -29.55 -6.65 -29.05
C ALA A 117 -30.92 -6.64 -29.74
N ILE A 118 -31.86 -5.86 -29.22
CA ILE A 118 -33.22 -5.64 -29.82
C ILE A 118 -33.04 -5.21 -31.27
N GLU A 119 -32.18 -4.21 -31.53
CA GLU A 119 -31.91 -3.67 -32.88
C GLU A 119 -31.41 -4.79 -33.80
N MET A 120 -30.49 -5.64 -33.30
CA MET A 120 -29.89 -6.78 -34.05
C MET A 120 -30.98 -7.78 -34.43
N LEU A 121 -31.97 -7.96 -33.57
CA LEU A 121 -33.13 -8.88 -33.74
C LEU A 121 -34.31 -8.14 -34.41
N GLY A 122 -34.09 -6.94 -34.94
CA GLY A 122 -35.09 -6.15 -35.69
C GLY A 122 -36.29 -5.74 -34.86
N GLY A 123 -36.12 -5.57 -33.55
CA GLY A 123 -37.18 -5.08 -32.63
C GLY A 123 -37.17 -3.57 -32.53
N GLU A 124 -38.04 -3.01 -31.69
CA GLU A 124 -38.20 -1.53 -31.48
C GLU A 124 -37.37 -1.11 -30.26
N LEU A 125 -36.50 -0.11 -30.43
CA LEU A 125 -35.66 0.49 -29.35
C LEU A 125 -36.59 1.01 -28.26
N GLY A 126 -36.34 0.62 -27.00
CA GLY A 126 -37.08 1.09 -25.82
C GLY A 126 -38.18 0.13 -25.39
N SER A 127 -38.47 -0.89 -26.20
CA SER A 127 -39.63 -1.81 -26.05
C SER A 127 -39.36 -2.88 -24.99
N LYS A 128 -38.08 -3.16 -24.71
CA LYS A 128 -37.59 -4.32 -23.90
C LYS A 128 -38.09 -5.63 -24.51
N ILE A 129 -38.29 -5.66 -25.83
CA ILE A 129 -38.83 -6.84 -26.59
C ILE A 129 -37.93 -7.08 -27.80
N PRO A 130 -37.36 -8.29 -28.00
CA PRO A 130 -37.50 -9.41 -27.06
C PRO A 130 -36.45 -9.50 -25.93
N VAL A 131 -35.47 -8.58 -25.88
CA VAL A 131 -34.38 -8.59 -24.86
C VAL A 131 -34.72 -7.60 -23.75
N HIS A 132 -35.00 -8.10 -22.54
CA HIS A 132 -35.38 -7.33 -21.33
C HIS A 132 -34.13 -7.04 -20.51
N PRO A 133 -33.85 -5.75 -20.17
CA PRO A 133 -32.64 -5.39 -19.42
C PRO A 133 -32.43 -6.19 -18.13
N ASN A 134 -33.49 -6.42 -17.36
CA ASN A 134 -33.45 -7.07 -16.02
C ASN A 134 -33.61 -8.59 -16.17
N ASP A 135 -34.60 -9.05 -16.94
CA ASP A 135 -34.99 -10.48 -17.03
C ASP A 135 -33.94 -11.27 -17.81
N HIS A 136 -33.27 -10.67 -18.79
CA HIS A 136 -32.28 -11.34 -19.68
C HIS A 136 -30.85 -10.84 -19.41
N VAL A 137 -30.57 -9.55 -19.62
CA VAL A 137 -29.17 -9.01 -19.58
C VAL A 137 -28.64 -9.05 -18.14
N ASN A 138 -29.51 -8.85 -17.14
CA ASN A 138 -29.14 -8.82 -15.70
C ASN A 138 -29.47 -10.14 -15.01
N LYS A 139 -29.82 -11.18 -15.78
CA LYS A 139 -30.26 -12.51 -15.27
C LYS A 139 -29.17 -13.11 -14.37
N SER A 140 -29.54 -13.55 -13.16
CA SER A 140 -28.68 -14.24 -12.17
C SER A 140 -27.75 -13.24 -11.46
N GLN A 141 -27.97 -11.94 -11.62
CA GLN A 141 -27.02 -10.87 -11.19
C GLN A 141 -27.68 -9.83 -10.28
N SER A 142 -26.86 -9.14 -9.49
CA SER A 142 -27.16 -7.83 -8.86
C SER A 142 -26.07 -6.83 -9.26
N SER A 143 -26.28 -5.53 -9.05
CA SER A 143 -25.21 -4.50 -9.11
C SER A 143 -24.14 -4.84 -8.07
N ASN A 144 -24.58 -5.37 -6.92
CA ASN A 144 -23.73 -5.59 -5.72
C ASN A 144 -22.59 -6.55 -6.05
N ASP A 145 -22.82 -7.55 -6.92
CA ASP A 145 -21.78 -8.55 -7.29
C ASP A 145 -21.20 -8.24 -8.68
N THR A 146 -21.94 -7.57 -9.57
CA THR A 146 -21.46 -7.26 -10.94
C THR A 146 -20.51 -6.05 -10.92
N PHE A 147 -20.81 -5.00 -10.15
CA PHE A 147 -19.96 -3.79 -10.14
C PHE A 147 -18.58 -4.16 -9.60
N PRO A 148 -18.45 -4.85 -8.45
CA PRO A 148 -17.16 -5.37 -8.00
C PRO A 148 -16.43 -6.25 -9.03
N THR A 149 -17.18 -7.09 -9.74
CA THR A 149 -16.62 -7.97 -10.81
C THR A 149 -16.01 -7.08 -11.90
N ALA A 150 -16.73 -6.05 -12.35
CA ALA A 150 -16.28 -5.10 -13.37
C ALA A 150 -15.03 -4.35 -12.89
N MET A 151 -15.00 -3.95 -11.61
CA MET A 151 -13.86 -3.22 -11.00
C MET A 151 -12.58 -4.07 -11.14
N HIS A 152 -12.66 -5.35 -10.76
CA HIS A 152 -11.50 -6.27 -10.71
C HIS A 152 -11.05 -6.62 -12.14
N ILE A 153 -11.99 -6.85 -13.07
CA ILE A 153 -11.69 -7.08 -14.51
C ILE A 153 -10.97 -5.84 -15.06
N ALA A 154 -11.52 -4.66 -14.83
CA ALA A 154 -10.97 -3.38 -15.32
C ALA A 154 -9.58 -3.16 -14.73
N ALA A 155 -9.42 -3.37 -13.42
CA ALA A 155 -8.15 -3.16 -12.69
C ALA A 155 -7.08 -4.11 -13.25
N ALA A 156 -7.40 -5.41 -13.36
CA ALA A 156 -6.49 -6.46 -13.84
C ALA A 156 -6.02 -6.15 -15.27
N ILE A 157 -6.94 -5.81 -16.18
CA ILE A 157 -6.64 -5.51 -17.60
C ILE A 157 -5.74 -4.26 -17.66
N GLU A 158 -6.03 -3.23 -16.88
CA GLU A 158 -5.24 -1.96 -16.89
C GLU A 158 -3.81 -2.25 -16.40
N VAL A 159 -3.67 -3.10 -15.38
CA VAL A 159 -2.35 -3.51 -14.82
C VAL A 159 -1.56 -4.27 -15.89
N HIS A 160 -2.18 -5.24 -16.57
CA HIS A 160 -1.49 -6.14 -17.54
C HIS A 160 -1.23 -5.42 -18.86
N GLU A 161 -2.13 -4.54 -19.30
CA GLU A 161 -2.08 -3.93 -20.66
C GLU A 161 -1.37 -2.58 -20.64
N VAL A 162 -1.37 -1.85 -19.52
CA VAL A 162 -0.89 -0.43 -19.47
C VAL A 162 0.23 -0.27 -18.44
N LEU A 163 -0.03 -0.59 -17.16
CA LEU A 163 0.88 -0.28 -16.04
C LEU A 163 2.19 -1.08 -16.17
N LEU A 164 2.13 -2.41 -16.22
CA LEU A 164 3.33 -3.28 -16.20
C LEU A 164 4.12 -3.13 -17.50
N PRO A 165 3.51 -3.11 -18.71
CA PRO A 165 4.24 -2.82 -19.93
C PRO A 165 5.00 -1.49 -19.90
N GLY A 166 4.39 -0.46 -19.33
CA GLY A 166 5.02 0.87 -19.13
C GLY A 166 6.25 0.75 -18.26
N LEU A 167 6.13 0.09 -17.11
CA LEU A 167 7.26 -0.10 -16.15
C LEU A 167 8.34 -1.00 -16.76
N GLN A 168 7.94 -2.00 -17.57
CA GLN A 168 8.90 -2.92 -18.26
C GLN A 168 9.78 -2.10 -19.21
N LYS A 169 9.16 -1.24 -20.04
CA LYS A 169 9.88 -0.33 -20.98
C LYS A 169 10.86 0.54 -20.19
N LEU A 170 10.42 1.11 -19.06
CA LEU A 170 11.26 1.99 -18.21
C LEU A 170 12.41 1.18 -17.62
N HIS A 171 12.13 -0.01 -17.09
CA HIS A 171 13.15 -0.96 -16.54
C HIS A 171 14.24 -1.22 -17.60
N ASP A 172 13.84 -1.59 -18.82
CA ASP A 172 14.75 -2.03 -19.91
C ASP A 172 15.61 -0.84 -20.37
N ALA A 173 15.02 0.35 -20.47
CA ALA A 173 15.70 1.59 -20.88
C ALA A 173 16.73 2.00 -19.82
N LEU A 174 16.36 1.95 -18.53
CA LEU A 174 17.27 2.29 -17.41
C LEU A 174 18.42 1.28 -17.37
N ASP A 175 18.14 0.00 -17.62
CA ASP A 175 19.14 -1.10 -17.57
C ASP A 175 20.15 -0.92 -18.72
N ALA A 176 19.67 -0.60 -19.92
CA ALA A 176 20.51 -0.27 -21.10
C ALA A 176 21.48 0.84 -20.72
N LYS A 177 20.97 1.91 -20.10
CA LYS A 177 21.77 3.10 -19.71
C LYS A 177 22.77 2.72 -18.61
N SER A 178 22.36 1.89 -17.66
CA SER A 178 23.23 1.35 -16.58
C SER A 178 24.48 0.70 -17.22
N LYS A 179 24.26 -0.16 -18.21
CA LYS A 179 25.34 -0.90 -18.92
C LYS A 179 26.21 0.11 -19.69
N GLU A 180 25.57 0.98 -20.47
CA GLU A 180 26.22 2.06 -21.28
C GLU A 180 27.13 2.92 -20.40
N PHE A 181 26.72 3.24 -19.16
CA PHE A 181 27.40 4.18 -18.25
C PHE A 181 28.24 3.43 -17.19
N ALA A 182 28.48 2.13 -17.37
CA ALA A 182 29.16 1.25 -16.39
C ALA A 182 30.61 1.69 -16.14
N GLN A 183 31.27 2.35 -17.11
CA GLN A 183 32.72 2.73 -17.03
C GLN A 183 32.88 4.16 -16.50
N ILE A 184 31.83 4.99 -16.58
CA ILE A 184 31.90 6.44 -16.20
C ILE A 184 31.87 6.55 -14.68
N ILE A 185 32.96 7.03 -14.08
CA ILE A 185 33.09 7.26 -12.61
C ILE A 185 32.67 8.69 -12.32
N LYS A 186 31.63 8.86 -11.49
CA LYS A 186 31.09 10.17 -11.07
C LYS A 186 31.31 10.30 -9.56
N ILE A 187 30.98 11.46 -8.99
CA ILE A 187 31.00 11.68 -7.52
C ILE A 187 29.62 11.33 -6.93
N GLY A 188 29.60 10.52 -5.87
CA GLY A 188 28.40 10.28 -5.06
C GLY A 188 27.99 11.52 -4.30
N ARG A 189 26.70 11.65 -3.98
CA ARG A 189 26.18 12.73 -3.09
C ARG A 189 25.32 12.11 -1.99
N THR A 190 25.64 12.40 -0.74
CA THR A 190 24.85 12.02 0.46
C THR A 190 24.58 13.30 1.25
N HIS A 191 23.32 13.53 1.63
CA HIS A 191 22.84 14.80 2.24
C HIS A 191 22.98 15.95 1.24
N THR A 192 23.12 15.63 -0.06
CA THR A 192 23.42 16.53 -1.21
C THR A 192 24.89 16.97 -1.20
N GLN A 193 25.71 16.50 -0.26
CA GLN A 193 27.13 16.87 -0.11
C GLN A 193 28.03 15.95 -0.95
N ASP A 194 29.15 16.48 -1.44
CA ASP A 194 30.22 15.71 -2.14
C ASP A 194 30.57 14.48 -1.29
N ALA A 195 30.45 13.30 -1.88
CA ALA A 195 30.76 12.00 -1.24
C ALA A 195 31.86 11.29 -2.05
N VAL A 196 31.95 9.97 -1.91
CA VAL A 196 32.98 9.12 -2.56
C VAL A 196 32.47 8.70 -3.93
N PRO A 197 33.35 8.23 -4.84
CA PRO A 197 32.93 7.83 -6.18
C PRO A 197 31.99 6.61 -6.23
N LEU A 198 31.22 6.54 -7.32
CA LEU A 198 30.51 5.34 -7.82
C LEU A 198 30.37 5.55 -9.32
N THR A 199 30.10 4.51 -10.10
CA THR A 199 29.87 4.66 -11.56
C THR A 199 28.45 5.18 -11.76
N LEU A 200 28.23 5.92 -12.85
CA LEU A 200 26.90 6.39 -13.30
C LEU A 200 26.03 5.15 -13.55
N GLY A 201 26.67 4.05 -14.00
CA GLY A 201 26.04 2.73 -14.18
C GLY A 201 25.53 2.16 -12.87
N GLN A 202 26.30 2.30 -11.79
CA GLN A 202 25.94 1.83 -10.42
C GLN A 202 24.72 2.62 -9.92
N GLU A 203 24.75 3.96 -10.06
CA GLU A 203 23.64 4.86 -9.64
C GLU A 203 22.36 4.45 -10.38
N PHE A 204 22.46 4.21 -11.68
CA PHE A 204 21.33 3.83 -12.57
C PHE A 204 20.84 2.41 -12.24
N SER A 205 21.72 1.54 -11.74
CA SER A 205 21.36 0.16 -11.33
C SER A 205 20.40 0.22 -10.14
N GLY A 206 20.57 1.22 -9.25
CA GLY A 206 19.63 1.55 -8.18
C GLY A 206 18.23 1.78 -8.74
N TYR A 207 18.11 2.64 -9.76
CA TYR A 207 16.84 2.98 -10.44
C TYR A 207 16.24 1.70 -11.04
N VAL A 208 17.08 0.87 -11.69
CA VAL A 208 16.65 -0.40 -12.34
C VAL A 208 16.00 -1.32 -11.29
N GLN A 209 16.67 -1.49 -10.14
CA GLN A 209 16.19 -2.35 -9.02
C GLN A 209 14.83 -1.82 -8.52
N GLN A 210 14.72 -0.50 -8.34
CA GLN A 210 13.49 0.17 -7.85
C GLN A 210 12.32 -0.17 -8.79
N VAL A 211 12.56 -0.13 -10.11
CA VAL A 211 11.49 -0.38 -11.12
C VAL A 211 11.19 -1.89 -11.16
N LYS A 212 12.22 -2.72 -11.09
CA LYS A 212 12.06 -4.20 -11.02
C LYS A 212 11.18 -4.54 -9.81
N TYR A 213 11.50 -3.98 -8.64
CA TYR A 213 10.76 -4.21 -7.38
C TYR A 213 9.33 -3.63 -7.46
N ALA A 214 9.14 -2.52 -8.18
CA ALA A 214 7.82 -1.92 -8.44
C ALA A 214 6.92 -2.94 -9.15
N MET A 215 7.45 -3.59 -10.19
CA MET A 215 6.71 -4.59 -10.99
C MET A 215 6.41 -5.82 -10.11
N THR A 216 7.35 -6.25 -9.26
CA THR A 216 7.17 -7.35 -8.29
C THR A 216 6.05 -6.99 -7.30
N ARG A 217 6.08 -5.76 -6.77
CA ARG A 217 5.08 -5.26 -5.78
C ARG A 217 3.69 -5.27 -6.41
N ILE A 218 3.55 -4.78 -7.64
CA ILE A 218 2.24 -4.72 -8.35
C ILE A 218 1.73 -6.15 -8.57
N LYS A 219 2.59 -7.06 -9.03
CA LYS A 219 2.23 -8.48 -9.27
C LYS A 219 1.85 -9.15 -7.94
N ALA A 220 2.52 -8.80 -6.84
CA ALA A 220 2.24 -9.35 -5.50
C ALA A 220 0.85 -8.90 -5.00
N ALA A 221 0.32 -7.79 -5.54
CA ALA A 221 -0.95 -7.16 -5.11
C ALA A 221 -2.13 -7.63 -5.98
N MET A 222 -1.90 -8.56 -6.92
CA MET A 222 -2.90 -8.97 -7.94
C MET A 222 -3.69 -10.22 -7.53
N PRO A 223 -3.15 -11.20 -6.78
CA PRO A 223 -3.89 -12.44 -6.53
C PRO A 223 -5.36 -12.24 -6.09
N ARG A 224 -5.64 -11.23 -5.27
CA ARG A 224 -7.01 -11.01 -4.71
C ARG A 224 -7.81 -10.09 -5.64
N ILE A 225 -7.16 -9.40 -6.58
CA ILE A 225 -7.86 -8.71 -7.71
C ILE A 225 -8.46 -9.76 -8.65
N TYR A 226 -7.86 -10.95 -8.77
CA TYR A 226 -8.34 -12.04 -9.67
C TYR A 226 -9.59 -12.70 -9.08
N GLU A 227 -9.93 -12.45 -7.81
CA GLU A 227 -11.19 -12.94 -7.18
C GLU A 227 -12.36 -12.08 -7.64
N LEU A 228 -13.39 -12.70 -8.22
CA LEU A 228 -14.59 -12.01 -8.76
C LEU A 228 -15.78 -12.29 -7.82
N ALA A 229 -16.58 -11.26 -7.57
CA ALA A 229 -17.73 -11.29 -6.62
C ALA A 229 -18.94 -11.96 -7.29
N ALA A 230 -18.98 -12.00 -8.63
CA ALA A 230 -20.11 -12.53 -9.44
C ALA A 230 -20.61 -13.84 -8.82
N GLY A 231 -21.86 -13.86 -8.38
CA GLY A 231 -22.51 -15.03 -7.76
C GLY A 231 -23.02 -14.70 -6.35
N GLY A 232 -22.48 -13.66 -5.73
CA GLY A 232 -22.88 -13.20 -4.38
C GLY A 232 -24.27 -12.58 -4.36
N THR A 233 -24.73 -12.08 -5.50
CA THR A 233 -26.01 -11.31 -5.70
C THR A 233 -26.12 -10.21 -4.63
N ALA A 234 -27.21 -10.17 -3.86
CA ALA A 234 -27.63 -9.00 -3.06
C ALA A 234 -26.71 -8.77 -1.86
N VAL A 235 -26.45 -9.81 -1.06
CA VAL A 235 -25.74 -9.70 0.25
C VAL A 235 -24.59 -10.72 0.34
N GLY A 236 -24.38 -11.55 -0.67
CA GLY A 236 -23.28 -12.54 -0.71
C GLY A 236 -23.76 -13.98 -0.57
N THR A 237 -25.05 -14.19 -0.25
CA THR A 237 -25.66 -15.54 -0.09
C THR A 237 -25.81 -16.24 -1.44
N GLY A 238 -25.92 -15.48 -2.53
CA GLY A 238 -26.21 -16.02 -3.87
C GLY A 238 -27.69 -16.34 -4.04
N LEU A 239 -28.54 -15.71 -3.22
CA LEU A 239 -30.02 -15.81 -3.31
C LEU A 239 -30.46 -15.50 -4.76
N ASN A 240 -31.33 -16.35 -5.31
CA ASN A 240 -31.95 -16.20 -6.66
C ASN A 240 -30.89 -16.28 -7.76
N THR A 241 -29.79 -17.01 -7.52
CA THR A 241 -28.83 -17.44 -8.57
C THR A 241 -28.64 -18.95 -8.45
N ARG A 242 -28.11 -19.58 -9.50
CA ARG A 242 -28.02 -21.05 -9.64
C ARG A 242 -26.63 -21.52 -9.21
N ILE A 243 -26.58 -22.69 -8.57
CA ILE A 243 -25.32 -23.42 -8.22
C ILE A 243 -24.49 -23.57 -9.49
N GLY A 244 -23.19 -23.23 -9.42
CA GLY A 244 -22.24 -23.33 -10.54
C GLY A 244 -22.08 -22.02 -11.31
N PHE A 245 -23.06 -21.10 -11.22
CA PHE A 245 -23.05 -19.82 -11.97
C PHE A 245 -21.78 -19.02 -11.64
N ALA A 246 -21.43 -18.91 -10.35
CA ALA A 246 -20.26 -18.15 -9.85
C ALA A 246 -18.98 -18.68 -10.50
N GLU A 247 -18.79 -20.00 -10.50
CA GLU A 247 -17.56 -20.67 -11.01
C GLU A 247 -17.51 -20.56 -12.54
N LYS A 248 -18.64 -20.76 -13.22
CA LYS A 248 -18.73 -20.76 -14.70
C LYS A 248 -18.48 -19.36 -15.25
N VAL A 249 -19.02 -18.32 -14.60
CA VAL A 249 -18.85 -16.91 -15.08
C VAL A 249 -17.38 -16.52 -14.92
N ALA A 250 -16.77 -16.88 -13.79
CA ALA A 250 -15.34 -16.58 -13.50
C ALA A 250 -14.44 -17.26 -14.54
N ALA A 251 -14.70 -18.54 -14.83
CA ALA A 251 -13.95 -19.37 -15.81
C ALA A 251 -14.11 -18.79 -17.21
N LYS A 252 -15.33 -18.35 -17.56
CA LYS A 252 -15.63 -17.72 -18.88
C LYS A 252 -14.83 -16.41 -19.03
N VAL A 253 -14.80 -15.58 -17.98
CA VAL A 253 -14.04 -14.30 -18.00
C VAL A 253 -12.55 -14.61 -18.15
N ALA A 254 -12.04 -15.62 -17.41
CA ALA A 254 -10.63 -16.06 -17.49
C ALA A 254 -10.28 -16.45 -18.93
N ALA A 255 -11.15 -17.24 -19.57
CA ALA A 255 -11.00 -17.71 -20.98
C ALA A 255 -11.01 -16.52 -21.94
N LEU A 256 -11.93 -15.57 -21.74
CA LEU A 256 -12.11 -14.41 -22.66
C LEU A 256 -10.91 -13.45 -22.55
N THR A 257 -10.32 -13.31 -21.35
CA THR A 257 -9.26 -12.31 -21.05
C THR A 257 -7.87 -12.96 -21.07
N GLY A 258 -7.77 -14.26 -20.84
CA GLY A 258 -6.47 -14.95 -20.65
C GLY A 258 -5.81 -14.56 -19.34
N LEU A 259 -6.58 -14.12 -18.35
CA LEU A 259 -6.10 -13.78 -16.98
C LEU A 259 -6.72 -14.75 -15.99
N PRO A 260 -6.02 -15.12 -14.91
CA PRO A 260 -6.46 -16.20 -14.01
C PRO A 260 -7.55 -15.80 -13.01
N PHE A 261 -8.65 -15.26 -13.51
CA PHE A 261 -9.85 -14.92 -12.72
C PHE A 261 -10.43 -16.21 -12.13
N VAL A 262 -10.85 -16.13 -10.86
CA VAL A 262 -11.54 -17.22 -10.10
C VAL A 262 -12.64 -16.54 -9.26
N THR A 263 -13.63 -17.30 -8.83
CA THR A 263 -14.73 -16.79 -7.97
C THR A 263 -14.14 -16.53 -6.59
N ALA A 264 -14.54 -15.43 -5.94
CA ALA A 264 -14.08 -15.05 -4.58
C ALA A 264 -14.50 -16.14 -3.61
N PRO A 265 -13.57 -16.76 -2.86
CA PRO A 265 -13.94 -17.81 -1.90
C PRO A 265 -14.93 -17.32 -0.83
N ASN A 266 -14.92 -16.03 -0.48
CA ASN A 266 -15.88 -15.45 0.50
C ASN A 266 -16.57 -14.23 -0.11
N LYS A 267 -17.85 -14.37 -0.48
CA LYS A 267 -18.63 -13.34 -1.21
C LYS A 267 -19.03 -12.19 -0.27
N PHE A 268 -19.04 -12.44 1.04
CA PHE A 268 -19.36 -11.42 2.06
C PHE A 268 -18.21 -10.40 2.07
N GLU A 269 -16.98 -10.89 2.20
CA GLU A 269 -15.73 -10.09 2.10
C GLU A 269 -15.68 -9.34 0.75
N ALA A 270 -16.15 -9.96 -0.34
CA ALA A 270 -16.08 -9.43 -1.73
C ALA A 270 -17.05 -8.26 -1.93
N LEU A 271 -18.19 -8.25 -1.23
CA LEU A 271 -19.24 -7.20 -1.36
C LEU A 271 -19.05 -6.09 -0.32
N ALA A 272 -18.70 -6.46 0.92
CA ALA A 272 -18.66 -5.59 2.11
C ALA A 272 -17.38 -4.73 2.14
N ALA A 273 -16.39 -5.05 1.31
CA ALA A 273 -15.05 -4.41 1.32
C ALA A 273 -14.40 -4.52 -0.06
N HIS A 274 -13.52 -3.58 -0.38
CA HIS A 274 -12.64 -3.62 -1.59
C HIS A 274 -11.20 -3.47 -1.13
N ASP A 275 -10.78 -4.35 -0.22
CA ASP A 275 -9.44 -4.34 0.40
C ASP A 275 -8.39 -4.62 -0.68
N ALA A 276 -8.73 -5.39 -1.72
CA ALA A 276 -7.83 -5.71 -2.86
C ALA A 276 -7.50 -4.44 -3.66
N LEU A 277 -8.46 -3.53 -3.84
CA LEU A 277 -8.23 -2.23 -4.51
C LEU A 277 -7.31 -1.35 -3.65
N VAL A 278 -7.48 -1.39 -2.32
CA VAL A 278 -6.61 -0.64 -1.36
C VAL A 278 -5.19 -1.22 -1.44
N GLU A 279 -5.08 -2.55 -1.51
CA GLU A 279 -3.80 -3.30 -1.65
C GLU A 279 -3.09 -2.89 -2.95
N LEU A 280 -3.82 -2.92 -4.07
CA LEU A 280 -3.27 -2.58 -5.42
C LEU A 280 -2.86 -1.10 -5.44
N SER A 281 -3.71 -0.22 -4.91
CA SER A 281 -3.40 1.24 -4.77
C SER A 281 -2.10 1.41 -3.97
N GLY A 282 -1.92 0.63 -2.90
CA GLY A 282 -0.71 0.64 -2.06
C GLY A 282 0.55 0.29 -2.84
N ALA A 283 0.48 -0.70 -3.72
CA ALA A 283 1.59 -1.10 -4.63
C ALA A 283 1.92 0.07 -5.57
N MET A 284 0.90 0.72 -6.11
CA MET A 284 1.06 1.88 -7.03
C MET A 284 1.60 3.07 -6.26
N ASN A 285 1.26 3.18 -4.96
CA ASN A 285 1.75 4.25 -4.06
C ASN A 285 3.26 4.09 -3.86
N THR A 286 3.73 2.86 -3.61
CA THR A 286 5.17 2.53 -3.47
C THR A 286 5.89 2.83 -4.79
N THR A 287 5.32 2.38 -5.92
CA THR A 287 5.81 2.65 -7.29
C THR A 287 6.00 4.16 -7.46
N ALA A 288 5.01 4.97 -7.03
CA ALA A 288 5.05 6.45 -7.15
C ALA A 288 6.23 7.02 -6.37
N CYS A 289 6.56 6.47 -5.21
CA CYS A 289 7.73 6.89 -4.38
C CYS A 289 9.04 6.61 -5.13
N SER A 290 9.14 5.43 -5.76
CA SER A 290 10.31 5.01 -6.56
C SER A 290 10.47 5.96 -7.74
N LEU A 291 9.38 6.22 -8.49
CA LEU A 291 9.41 7.04 -9.73
C LEU A 291 9.69 8.51 -9.39
N MET A 292 9.18 9.01 -8.26
CA MET A 292 9.46 10.39 -7.79
C MET A 292 10.97 10.56 -7.64
N LYS A 293 11.61 9.60 -6.99
CA LYS A 293 13.07 9.60 -6.69
C LYS A 293 13.86 9.55 -8.00
N ILE A 294 13.54 8.61 -8.89
CA ILE A 294 14.25 8.40 -10.19
C ILE A 294 14.15 9.69 -11.02
N ALA A 295 12.92 10.18 -11.24
CA ALA A 295 12.64 11.36 -12.09
C ALA A 295 13.28 12.60 -11.48
N ASN A 296 13.23 12.75 -10.15
CA ASN A 296 13.75 13.95 -9.48
C ASN A 296 15.29 13.94 -9.55
N ASP A 297 15.92 12.79 -9.35
CA ASP A 297 17.39 12.63 -9.44
C ASP A 297 17.85 13.05 -10.86
N ILE A 298 17.19 12.53 -11.89
CA ILE A 298 17.55 12.78 -13.31
C ILE A 298 17.36 14.27 -13.64
N ARG A 299 16.29 14.89 -13.12
CA ARG A 299 16.02 16.34 -13.21
C ARG A 299 17.25 17.13 -12.70
N PHE A 300 17.73 16.80 -11.50
CA PHE A 300 18.81 17.54 -10.80
C PHE A 300 20.17 17.22 -11.43
N LEU A 301 20.40 15.97 -11.84
CA LEU A 301 21.66 15.54 -12.49
C LEU A 301 21.79 16.23 -13.86
N GLY A 302 20.67 16.54 -14.51
CA GLY A 302 20.63 17.21 -15.83
C GLY A 302 20.64 18.72 -15.73
N SER A 303 20.73 19.28 -14.51
CA SER A 303 20.51 20.72 -14.24
C SER A 303 21.70 21.53 -14.77
N GLY A 304 21.40 22.69 -15.40
CA GLY A 304 22.40 23.65 -15.88
C GLY A 304 21.88 24.42 -17.09
N PRO A 305 22.59 24.40 -18.25
CA PRO A 305 23.75 23.53 -18.46
C PRO A 305 25.08 23.92 -17.76
N ARG A 306 25.17 25.09 -17.13
CA ARG A 306 26.46 25.64 -16.61
C ARG A 306 26.46 25.80 -15.09
N SER A 307 25.39 26.34 -14.49
CA SER A 307 25.35 26.71 -13.04
C SER A 307 24.52 25.69 -12.24
N GLY A 308 24.36 24.47 -12.75
CA GLY A 308 23.73 23.32 -12.05
C GLY A 308 24.74 22.21 -11.78
N LEU A 309 24.30 20.95 -11.79
CA LEU A 309 25.20 19.76 -11.63
C LEU A 309 25.74 19.37 -13.01
N GLY A 310 24.87 19.29 -14.02
CA GLY A 310 25.23 19.16 -15.45
C GLY A 310 25.92 17.85 -15.77
N GLU A 311 25.66 16.79 -15.01
CA GLU A 311 26.26 15.45 -15.22
C GLU A 311 25.57 14.75 -16.40
N LEU A 312 24.26 14.97 -16.58
CA LEU A 312 23.47 14.33 -17.67
C LEU A 312 23.07 15.38 -18.70
N ILE A 313 22.97 14.96 -19.96
CA ILE A 313 22.39 15.74 -21.09
C ILE A 313 21.09 15.05 -21.48
N LEU A 314 19.95 15.67 -21.17
CA LEU A 314 18.60 15.12 -21.44
C LEU A 314 18.20 15.49 -22.86
N PRO A 315 17.52 14.59 -23.61
CA PRO A 315 17.05 14.91 -24.95
C PRO A 315 16.18 16.17 -24.98
N GLU A 316 16.40 17.04 -25.97
CA GLU A 316 15.53 18.20 -26.26
C GLU A 316 14.42 17.73 -27.22
N ASN A 317 13.15 17.82 -26.79
CA ASN A 317 11.96 17.38 -27.56
C ASN A 317 11.16 18.59 -28.03
N GLU A 318 11.19 19.70 -27.28
CA GLU A 318 10.50 20.97 -27.62
C GLU A 318 11.53 22.02 -28.01
N PRO A 319 11.16 23.03 -28.84
CA PRO A 319 11.96 24.25 -28.97
C PRO A 319 12.07 24.98 -27.63
N GLY A 320 13.11 25.79 -27.45
CA GLY A 320 13.40 26.51 -26.20
C GLY A 320 12.41 27.64 -25.93
N SER A 321 12.47 28.22 -24.73
CA SER A 321 11.66 29.39 -24.30
C SER A 321 11.98 30.59 -25.20
N SER A 322 10.98 31.43 -25.51
CA SER A 322 11.17 32.73 -26.22
C SER A 322 11.45 33.85 -25.20
N ILE A 323 11.02 33.67 -23.94
CA ILE A 323 11.15 34.64 -22.81
C ILE A 323 12.58 34.57 -22.25
N MET A 324 13.13 33.36 -22.15
CA MET A 324 14.57 33.11 -21.86
C MET A 324 15.15 32.36 -23.07
N PRO A 325 15.66 33.08 -24.09
CA PRO A 325 15.91 32.51 -25.41
C PRO A 325 16.73 31.22 -25.42
N GLY A 326 16.14 30.14 -25.94
CA GLY A 326 16.81 28.83 -26.15
C GLY A 326 16.78 27.92 -24.93
N LYS A 327 16.26 28.39 -23.79
CA LYS A 327 16.21 27.62 -22.51
C LYS A 327 15.31 26.40 -22.70
N VAL A 328 15.83 25.21 -22.35
CA VAL A 328 15.15 23.90 -22.49
C VAL A 328 15.16 23.22 -21.10
N ASN A 329 14.07 22.52 -20.77
CA ASN A 329 13.75 22.11 -19.38
C ASN A 329 13.49 20.62 -19.33
N PRO A 330 13.73 19.94 -18.17
CA PRO A 330 13.43 18.52 -18.02
C PRO A 330 11.92 18.27 -17.88
N THR A 331 11.17 18.40 -18.97
CA THR A 331 9.69 18.46 -18.98
C THR A 331 9.09 17.07 -18.68
N GLN A 332 9.75 15.99 -19.10
CA GLN A 332 9.26 14.60 -18.87
C GLN A 332 9.38 14.27 -17.38
N CYS A 333 10.44 14.76 -16.72
CA CYS A 333 10.67 14.61 -15.25
C CYS A 333 9.52 15.28 -14.49
N GLU A 334 9.02 16.41 -15.00
CA GLU A 334 7.95 17.21 -14.37
C GLU A 334 6.62 16.46 -14.48
N ALA A 335 6.31 15.96 -15.69
CA ALA A 335 5.10 15.14 -15.94
C ALA A 335 5.10 13.91 -15.03
N MET A 336 6.25 13.23 -14.89
CA MET A 336 6.39 12.00 -14.07
C MET A 336 6.20 12.33 -12.58
N THR A 337 6.86 13.37 -12.06
CA THR A 337 6.79 13.72 -10.61
C THR A 337 5.40 14.26 -10.24
N MET A 338 4.73 14.97 -11.16
CA MET A 338 3.33 15.41 -10.94
C MET A 338 2.40 14.18 -10.88
N VAL A 339 2.60 13.21 -11.76
CA VAL A 339 1.85 11.92 -11.75
C VAL A 339 2.09 11.22 -10.40
N ALA A 340 3.34 11.13 -9.95
CA ALA A 340 3.72 10.47 -8.67
C ALA A 340 2.91 11.08 -7.51
N ALA A 341 2.87 12.41 -7.43
CA ALA A 341 2.12 13.18 -6.41
C ALA A 341 0.62 12.85 -6.48
N GLN A 342 0.08 12.76 -7.71
CA GLN A 342 -1.36 12.45 -7.94
C GLN A 342 -1.68 11.05 -7.41
N VAL A 343 -0.81 10.07 -7.67
CA VAL A 343 -1.04 8.66 -7.25
C VAL A 343 -1.15 8.60 -5.72
N MET A 344 -0.33 9.39 -5.02
CA MET A 344 -0.28 9.43 -3.53
C MET A 344 -1.60 9.97 -2.98
N GLY A 345 -2.14 11.02 -3.59
CA GLY A 345 -3.46 11.57 -3.26
C GLY A 345 -4.58 10.57 -3.55
N ASN A 346 -4.58 10.01 -4.76
CA ASN A 346 -5.55 8.97 -5.19
C ASN A 346 -5.56 7.86 -4.14
N HIS A 347 -4.39 7.46 -3.65
CA HIS A 347 -4.28 6.34 -2.68
C HIS A 347 -5.05 6.66 -1.40
N VAL A 348 -4.99 7.91 -0.93
CA VAL A 348 -5.72 8.36 0.30
C VAL A 348 -7.23 8.31 0.02
N ALA A 349 -7.68 8.73 -1.16
CA ALA A 349 -9.10 8.65 -1.58
C ALA A 349 -9.56 7.18 -1.50
N VAL A 350 -8.74 6.26 -2.03
CA VAL A 350 -9.06 4.81 -2.10
C VAL A 350 -9.16 4.26 -0.67
N THR A 351 -8.22 4.65 0.19
CA THR A 351 -8.13 4.23 1.61
C THR A 351 -9.40 4.67 2.36
N VAL A 352 -9.82 5.93 2.20
CA VAL A 352 -11.01 6.48 2.92
C VAL A 352 -12.25 5.70 2.48
N GLY A 353 -12.43 5.50 1.17
CA GLY A 353 -13.50 4.67 0.60
C GLY A 353 -13.47 3.25 1.15
N GLY A 354 -12.30 2.60 1.10
CA GLY A 354 -12.11 1.22 1.56
C GLY A 354 -12.44 1.04 3.03
N SER A 355 -12.20 2.05 3.86
CA SER A 355 -12.36 2.00 5.33
C SER A 355 -13.84 2.14 5.74
N ASN A 356 -14.72 2.56 4.83
CA ASN A 356 -16.08 3.07 5.14
C ASN A 356 -17.17 2.12 4.63
N GLY A 357 -16.89 0.82 4.48
CA GLY A 357 -17.92 -0.20 4.26
C GLY A 357 -18.92 -0.25 5.41
N HIS A 358 -20.19 -0.53 5.11
CA HIS A 358 -21.28 -0.71 6.09
C HIS A 358 -21.96 -2.07 5.88
N PHE A 359 -21.80 -2.98 6.83
CA PHE A 359 -22.50 -4.28 6.90
C PHE A 359 -22.19 -5.07 5.62
N GLU A 360 -23.18 -5.34 4.77
CA GLU A 360 -23.05 -6.35 3.68
C GLU A 360 -22.52 -5.70 2.40
N LEU A 361 -22.45 -4.36 2.32
CA LEU A 361 -22.03 -3.66 1.07
C LEU A 361 -21.19 -2.42 1.38
N ASN A 362 -19.99 -2.35 0.79
CA ASN A 362 -19.21 -1.10 0.66
C ASN A 362 -19.85 -0.29 -0.47
N VAL A 363 -20.27 0.95 -0.19
CA VAL A 363 -20.94 1.83 -1.19
C VAL A 363 -20.06 3.05 -1.46
N PHE A 364 -18.76 2.80 -1.70
CA PHE A 364 -17.76 3.78 -2.21
C PHE A 364 -17.14 3.24 -3.50
N LYS A 365 -17.82 2.31 -4.18
CA LYS A 365 -17.22 1.46 -5.24
C LYS A 365 -16.77 2.30 -6.42
N PRO A 366 -17.64 3.14 -7.03
CA PRO A 366 -17.24 3.93 -8.20
C PRO A 366 -16.02 4.83 -7.95
N MET A 367 -16.00 5.49 -6.80
CA MET A 367 -14.91 6.40 -6.38
C MET A 367 -13.61 5.58 -6.27
N MET A 368 -13.68 4.38 -5.71
CA MET A 368 -12.46 3.57 -5.44
C MET A 368 -11.83 3.11 -6.77
N ILE A 369 -12.64 2.58 -7.69
CA ILE A 369 -12.12 2.07 -9.00
C ILE A 369 -11.64 3.24 -9.86
N LYS A 370 -12.33 4.39 -9.82
N LYS A 370 -12.33 4.39 -9.82
CA LYS A 370 -11.90 5.61 -10.56
CA LYS A 370 -11.91 5.62 -10.56
C LYS A 370 -10.45 5.96 -10.18
C LYS A 370 -10.45 5.96 -10.18
N ASN A 371 -10.14 5.98 -8.89
CA ASN A 371 -8.81 6.39 -8.37
C ASN A 371 -7.76 5.34 -8.76
N VAL A 372 -8.09 4.05 -8.64
CA VAL A 372 -7.18 2.92 -8.98
C VAL A 372 -6.86 2.97 -10.48
N LEU A 373 -7.86 3.14 -11.35
CA LEU A 373 -7.66 3.17 -12.83
C LEU A 373 -6.89 4.44 -13.21
N HIS A 374 -7.19 5.57 -12.57
CA HIS A 374 -6.49 6.86 -12.81
C HIS A 374 -5.00 6.65 -12.52
N SER A 375 -4.64 6.13 -11.35
CA SER A 375 -3.24 5.87 -10.93
C SER A 375 -2.54 4.93 -11.93
N ALA A 376 -3.18 3.82 -12.30
CA ALA A 376 -2.59 2.77 -13.17
C ALA A 376 -2.29 3.36 -14.56
N ARG A 377 -3.27 4.08 -15.13
CA ARG A 377 -3.19 4.73 -16.46
C ARG A 377 -2.07 5.78 -16.44
N LEU A 378 -2.04 6.65 -15.43
CA LEU A 378 -1.05 7.76 -15.35
C LEU A 378 0.35 7.16 -15.22
N LEU A 379 0.54 6.16 -14.35
CA LEU A 379 1.85 5.51 -14.11
C LEU A 379 2.33 4.83 -15.39
N GLY A 380 1.45 4.07 -16.04
CA GLY A 380 1.72 3.38 -17.32
C GLY A 380 2.14 4.35 -18.41
N ASP A 381 1.28 5.33 -18.72
CA ASP A 381 1.51 6.34 -19.79
C ASP A 381 2.75 7.19 -19.49
N ALA A 382 2.94 7.64 -18.25
CA ALA A 382 4.09 8.47 -17.84
C ALA A 382 5.39 7.66 -17.99
N SER A 383 5.37 6.37 -17.65
CA SER A 383 6.54 5.45 -17.75
C SER A 383 6.96 5.32 -19.23
N VAL A 384 6.01 5.15 -20.14
CA VAL A 384 6.27 5.07 -21.60
C VAL A 384 6.87 6.41 -22.06
N SER A 385 6.21 7.52 -21.74
CA SER A 385 6.60 8.90 -22.16
C SER A 385 7.98 9.26 -21.60
N PHE A 386 8.22 8.99 -20.31
CA PHE A 386 9.51 9.26 -19.63
C PHE A 386 10.63 8.42 -20.26
N THR A 387 10.31 7.19 -20.66
CA THR A 387 11.26 6.24 -21.31
C THR A 387 11.63 6.77 -22.71
N GLU A 388 10.63 6.92 -23.59
CA GLU A 388 10.81 7.21 -25.03
C GLU A 388 11.30 8.65 -25.24
N ASN A 389 10.87 9.59 -24.40
CA ASN A 389 11.13 11.04 -24.61
C ASN A 389 12.20 11.57 -23.66
N CYS A 390 12.83 10.71 -22.86
CA CYS A 390 13.93 11.15 -21.96
C CYS A 390 15.00 10.06 -21.79
N VAL A 391 14.65 8.93 -21.15
CA VAL A 391 15.64 7.94 -20.65
C VAL A 391 16.48 7.40 -21.82
N VAL A 392 15.85 6.92 -22.89
CA VAL A 392 16.56 6.24 -24.02
C VAL A 392 17.57 7.21 -24.66
N GLY A 393 17.34 8.52 -24.59
CA GLY A 393 18.19 9.55 -25.21
C GLY A 393 19.15 10.22 -24.24
N ILE A 394 19.19 9.83 -22.97
CA ILE A 394 20.10 10.45 -21.96
C ILE A 394 21.55 10.20 -22.39
N GLN A 395 22.38 11.25 -22.36
CA GLN A 395 23.85 11.18 -22.57
C GLN A 395 24.53 11.66 -21.30
N ALA A 396 25.72 11.11 -21.02
CA ALA A 396 26.62 11.54 -19.93
C ALA A 396 27.51 12.67 -20.44
N ASN A 397 27.64 13.75 -19.67
CA ASN A 397 28.64 14.83 -19.91
C ASN A 397 29.95 14.38 -19.27
N THR A 398 30.70 13.52 -19.99
CA THR A 398 31.90 12.81 -19.49
C THR A 398 32.97 13.83 -19.08
N GLU A 399 33.17 14.90 -19.86
CA GLU A 399 34.15 15.96 -19.55
C GLU A 399 33.80 16.57 -18.18
N ARG A 400 32.56 17.02 -18.00
CA ARG A 400 32.09 17.69 -16.76
C ARG A 400 32.13 16.70 -15.59
N ILE A 401 31.60 15.48 -15.79
CA ILE A 401 31.56 14.40 -14.75
C ILE A 401 32.99 14.19 -14.24
N ASN A 402 33.95 14.07 -15.16
CA ASN A 402 35.36 13.77 -14.83
C ASN A 402 35.93 14.90 -13.98
N LYS A 403 35.66 16.17 -14.34
CA LYS A 403 36.12 17.37 -13.59
C LYS A 403 35.55 17.34 -12.16
N LEU A 404 34.22 17.22 -12.04
CA LEU A 404 33.47 17.24 -10.75
C LEU A 404 33.98 16.14 -9.83
N MET A 405 34.30 14.97 -10.39
CA MET A 405 34.71 13.76 -9.63
C MET A 405 36.16 13.91 -9.18
N ASN A 406 37.07 14.28 -10.09
CA ASN A 406 38.53 14.41 -9.80
C ASN A 406 38.77 15.53 -8.78
N GLU A 407 37.95 16.58 -8.79
CA GLU A 407 38.14 17.78 -7.92
C GLU A 407 37.56 17.54 -6.52
N SER A 408 36.73 16.51 -6.34
CA SER A 408 36.06 16.19 -5.04
C SER A 408 37.13 15.96 -3.97
N LEU A 409 36.99 16.66 -2.85
CA LEU A 409 37.90 16.57 -1.67
C LEU A 409 37.80 15.18 -1.03
N MET A 410 36.69 14.45 -1.26
CA MET A 410 36.38 13.19 -0.55
C MET A 410 36.99 11.99 -1.27
N LEU A 411 37.87 12.22 -2.25
CA LEU A 411 38.78 11.16 -2.79
C LEU A 411 39.83 10.79 -1.73
N VAL A 412 40.07 11.65 -0.73
CA VAL A 412 41.07 11.39 0.35
C VAL A 412 40.59 10.25 1.25
N THR A 413 39.33 9.84 1.14
CA THR A 413 38.74 8.65 1.81
C THR A 413 39.57 7.40 1.48
N ALA A 414 40.11 7.32 0.26
CA ALA A 414 41.00 6.23 -0.23
C ALA A 414 42.23 6.11 0.67
N LEU A 415 42.67 7.21 1.30
CA LEU A 415 43.89 7.27 2.15
C LEU A 415 43.58 6.82 3.59
N ASN A 416 42.31 6.58 3.94
CA ASN A 416 41.87 6.18 5.31
C ASN A 416 42.64 4.94 5.78
N PRO A 417 42.62 3.81 5.03
CA PRO A 417 43.36 2.61 5.44
C PRO A 417 44.89 2.73 5.34
N HIS A 418 45.42 3.76 4.66
CA HIS A 418 46.88 3.98 4.43
C HIS A 418 47.47 4.88 5.51
N ILE A 419 46.84 6.04 5.79
CA ILE A 419 47.39 7.11 6.70
C ILE A 419 46.30 7.55 7.68
N TYR A 421 42.23 8.59 9.06
CA TYR A 421 41.17 9.56 8.66
C TYR A 421 41.41 10.92 9.31
N ASP A 422 42.16 11.00 10.42
CA ASP A 422 42.59 12.26 11.07
C ASP A 422 43.49 13.05 10.09
N LYS A 423 44.48 12.39 9.48
CA LYS A 423 45.44 12.99 8.51
C LYS A 423 44.71 13.33 7.20
N ALA A 424 43.81 12.45 6.76
CA ALA A 424 42.98 12.60 5.54
C ALA A 424 42.08 13.84 5.68
N ALA A 425 41.54 14.10 6.87
CA ALA A 425 40.65 15.24 7.18
C ALA A 425 41.44 16.56 7.12
N LYS A 426 42.70 16.55 7.56
CA LYS A 426 43.62 17.72 7.54
C LYS A 426 43.88 18.13 6.08
N ILE A 427 44.16 17.15 5.22
CA ILE A 427 44.45 17.34 3.76
C ILE A 427 43.24 17.99 3.08
N ALA A 428 42.03 17.47 3.34
CA ALA A 428 40.75 17.94 2.74
C ALA A 428 40.46 19.38 3.21
N LYS A 429 40.58 19.64 4.52
CA LYS A 429 40.33 20.97 5.15
C LYS A 429 41.31 22.01 4.59
N THR A 430 42.58 21.64 4.40
CA THR A 430 43.67 22.52 3.91
C THR A 430 43.46 22.84 2.42
N ALA A 431 43.24 21.81 1.61
CA ALA A 431 42.98 21.91 0.15
C ALA A 431 41.75 22.80 -0.10
N HIS A 432 40.69 22.62 0.70
CA HIS A 432 39.44 23.40 0.66
C HIS A 432 39.73 24.87 0.95
N LYS A 433 40.43 25.16 2.06
CA LYS A 433 40.76 26.52 2.55
C LYS A 433 41.67 27.23 1.53
N ASN A 434 42.53 26.49 0.83
CA ASN A 434 43.56 27.05 -0.09
C ASN A 434 43.07 27.05 -1.54
N GLY A 435 41.93 26.39 -1.83
CA GLY A 435 41.44 26.18 -3.22
C GLY A 435 42.41 25.34 -4.02
N SER A 436 43.09 24.39 -3.36
CA SER A 436 44.20 23.55 -3.89
C SER A 436 43.66 22.15 -4.24
N THR A 437 44.44 21.34 -4.96
CA THR A 437 44.14 19.90 -5.21
C THR A 437 44.64 19.07 -4.02
N LEU A 438 44.11 17.86 -3.87
CA LEU A 438 44.50 16.92 -2.79
C LEU A 438 45.98 16.55 -2.97
N GLU A 440 48.79 18.08 -4.31
CA GLU A 440 49.67 19.19 -3.86
C GLU A 440 49.70 19.25 -2.34
N THR A 441 48.51 19.26 -1.73
CA THR A 441 48.25 19.51 -0.29
C THR A 441 48.88 18.38 0.55
N ILE A 443 51.57 16.46 -0.53
CA ILE A 443 53.06 16.63 -0.53
C ILE A 443 53.42 17.71 0.50
N GLU A 444 52.80 18.90 0.40
CA GLU A 444 53.06 20.06 1.32
C GLU A 444 52.87 19.61 2.77
N LEU A 445 51.77 18.89 3.05
CA LEU A 445 51.43 18.36 4.41
C LEU A 445 52.42 17.25 4.80
N GLY A 446 52.98 16.56 3.81
CA GLY A 446 54.08 15.58 3.98
C GLY A 446 53.63 14.29 4.65
N TYR A 447 52.46 13.78 4.28
CA TYR A 447 51.90 12.49 4.77
C TYR A 447 52.21 11.37 3.77
N LEU A 448 52.57 11.72 2.53
CA LEU A 448 52.97 10.76 1.46
C LEU A 448 53.71 11.47 0.33
N THR A 449 54.38 10.71 -0.53
CA THR A 449 55.12 11.18 -1.73
C THR A 449 54.16 11.26 -2.92
N ALA A 450 54.52 12.00 -3.97
CA ALA A 450 53.71 12.18 -5.21
C ALA A 450 53.41 10.81 -5.83
N GLU A 451 54.34 9.86 -5.71
CA GLU A 451 54.22 8.48 -6.26
C GLU A 451 53.25 7.65 -5.41
N GLN A 452 53.25 7.82 -4.08
CA GLN A 452 52.36 7.10 -3.13
C GLN A 452 50.90 7.50 -3.38
N PHE A 453 50.64 8.81 -3.51
CA PHE A 453 49.30 9.40 -3.77
C PHE A 453 48.72 8.80 -5.06
N ASP A 454 49.54 8.71 -6.12
CA ASP A 454 49.12 8.21 -7.46
C ASP A 454 48.83 6.71 -7.38
N GLU A 455 49.43 6.01 -6.42
CA GLU A 455 49.21 4.55 -6.17
C GLU A 455 47.96 4.34 -5.31
N TRP A 456 47.78 5.15 -4.26
CA TRP A 456 46.75 4.96 -3.20
C TRP A 456 45.41 5.61 -3.59
N VAL A 457 45.40 6.58 -4.50
CA VAL A 457 44.19 7.37 -4.89
C VAL A 457 43.92 7.17 -6.39
N LYS A 458 43.28 6.04 -6.74
CA LYS A 458 42.74 5.75 -8.09
C LYS A 458 41.23 5.52 -7.97
N PRO A 459 40.38 6.44 -8.49
CA PRO A 459 38.93 6.25 -8.46
C PRO A 459 38.49 4.86 -8.91
N LYS A 460 39.15 4.31 -9.94
CA LYS A 460 38.91 2.96 -10.52
C LYS A 460 38.92 1.89 -9.42
N ASP A 461 39.65 2.13 -8.33
CA ASP A 461 39.87 1.13 -7.24
C ASP A 461 38.89 1.36 -6.06
N MET A 462 38.06 2.41 -6.11
CA MET A 462 37.19 2.81 -4.96
C MET A 462 35.72 2.43 -5.23
N LEU A 463 35.47 1.47 -6.12
CA LEU A 463 34.11 1.14 -6.64
C LEU A 463 33.59 -0.19 -6.07
N GLY A 464 34.32 -0.82 -5.13
CA GLY A 464 33.96 -2.14 -4.60
C GLY A 464 34.67 -2.44 -3.29
N PRO A 465 34.21 -3.45 -2.51
CA PRO A 465 34.97 -3.95 -1.37
C PRO A 465 36.19 -4.74 -1.87
N LYS A 466 37.22 -4.89 -1.04
CA LYS A 466 38.52 -5.54 -1.41
C LYS A 466 38.70 -6.87 -0.67
N SER B 5 29.82 13.99 40.01
CA SER B 5 28.74 13.19 39.35
C SER B 5 28.81 13.32 37.81
N PHE B 6 29.73 14.14 37.28
CA PHE B 6 30.01 14.29 35.82
C PHE B 6 31.50 14.01 35.55
N ARG B 7 31.79 13.34 34.44
CA ARG B 7 33.15 13.31 33.82
C ARG B 7 33.18 14.39 32.73
N ILE B 8 34.36 14.64 32.14
CA ILE B 8 34.57 15.72 31.13
C ILE B 8 35.11 15.07 29.85
N GLU B 9 34.37 15.17 28.75
CA GLU B 9 34.82 14.77 27.40
C GLU B 9 34.88 16.04 26.55
N TYR B 10 35.54 15.97 25.39
CA TYR B 10 35.75 17.11 24.47
C TYR B 10 35.33 16.70 23.06
N ASP B 11 34.82 17.66 22.28
CA ASP B 11 34.80 17.59 20.79
C ASP B 11 35.41 18.91 20.28
N THR B 12 35.49 19.07 18.97
CA THR B 12 36.11 20.24 18.29
C THR B 12 35.37 21.55 18.62
N PHE B 13 34.29 21.51 19.40
CA PHE B 13 33.40 22.67 19.70
C PHE B 13 33.52 23.11 21.15
N GLY B 14 34.03 22.26 22.05
CA GLY B 14 34.20 22.61 23.47
C GLY B 14 34.27 21.38 24.35
N GLU B 15 34.24 21.57 25.67
CA GLU B 15 34.23 20.50 26.70
C GLU B 15 32.77 20.22 27.07
N LEU B 16 32.46 18.96 27.41
CA LEU B 16 31.08 18.50 27.70
C LEU B 16 31.09 17.69 29.01
N LYS B 17 30.30 18.14 29.99
CA LYS B 17 29.96 17.34 31.20
C LYS B 17 29.12 16.15 30.73
N VAL B 18 29.58 14.93 31.03
CA VAL B 18 28.86 13.65 30.75
C VAL B 18 28.57 13.00 32.09
N PRO B 19 27.29 12.73 32.43
CA PRO B 19 26.96 12.05 33.69
C PRO B 19 27.77 10.75 33.82
N ASN B 20 28.38 10.52 34.98
CA ASN B 20 29.28 9.37 35.25
C ASN B 20 28.47 8.06 35.16
N ASP B 21 27.18 8.12 35.47
CA ASP B 21 26.24 6.96 35.43
C ASP B 21 25.67 6.74 34.02
N LYS B 22 26.25 7.35 32.96
CA LYS B 22 25.84 7.16 31.56
C LYS B 22 27.00 6.61 30.73
N TYR B 23 26.67 5.71 29.78
CA TYR B 23 27.63 4.99 28.91
C TYR B 23 27.84 5.75 27.59
N TYR B 24 27.03 6.78 27.31
CA TYR B 24 27.17 7.63 26.11
C TYR B 24 28.29 8.66 26.36
N GLY B 25 28.80 9.28 25.29
CA GLY B 25 29.98 10.18 25.31
C GLY B 25 29.68 11.55 24.73
N ALA B 26 30.71 12.21 24.20
CA ALA B 26 30.70 13.63 23.78
C ALA B 26 29.77 13.84 22.58
N GLN B 27 29.79 12.91 21.60
CA GLN B 27 28.94 13.01 20.39
C GLN B 27 27.47 13.03 20.78
N THR B 28 27.07 12.21 21.76
CA THR B 28 25.65 12.07 22.19
C THR B 28 25.19 13.34 22.93
N VAL B 29 26.00 13.85 23.87
CA VAL B 29 25.67 15.07 24.66
C VAL B 29 25.55 16.26 23.68
N ARG B 30 26.48 16.35 22.72
CA ARG B 30 26.47 17.38 21.65
C ARG B 30 25.15 17.28 20.86
N SER B 31 24.71 16.06 20.55
CA SER B 31 23.49 15.78 19.76
C SER B 31 22.24 16.20 20.55
N THR B 32 22.24 16.02 21.88
CA THR B 32 21.12 16.43 22.77
C THR B 32 21.00 17.96 22.79
N MET B 33 22.11 18.67 22.60
CA MET B 33 22.18 20.15 22.63
C MET B 33 21.68 20.73 21.30
N ASN B 34 21.89 20.01 20.19
CA ASN B 34 21.68 20.52 18.80
C ASN B 34 20.30 20.11 18.24
N PHE B 35 19.65 19.11 18.83
CA PHE B 35 18.37 18.54 18.34
C PHE B 35 17.37 18.46 19.49
N LYS B 36 16.95 19.62 19.99
CA LYS B 36 15.87 19.75 21.01
C LYS B 36 14.55 19.94 20.26
N ILE B 37 14.08 18.87 19.62
CA ILE B 37 12.78 18.85 18.88
C ILE B 37 11.90 17.76 19.51
N GLY B 38 10.82 18.18 20.18
CA GLY B 38 9.95 17.31 20.98
C GLY B 38 10.66 16.88 22.25
N GLY B 39 9.90 16.49 23.27
CA GLY B 39 10.49 16.00 24.54
C GLY B 39 10.96 14.57 24.41
N VAL B 40 10.98 13.86 25.54
CA VAL B 40 11.40 12.44 25.67
C VAL B 40 10.44 11.54 24.88
N THR B 41 9.21 12.00 24.63
CA THR B 41 8.20 11.28 23.81
C THR B 41 8.71 11.01 22.38
N GLU B 42 9.64 11.82 21.89
CA GLU B 42 10.16 11.77 20.49
C GLU B 42 11.48 11.00 20.41
N ARG B 43 11.92 10.37 21.50
CA ARG B 43 13.18 9.57 21.54
C ARG B 43 13.10 8.44 20.51
N MET B 44 14.24 8.12 19.88
CA MET B 44 14.37 6.99 18.94
C MET B 44 13.67 5.78 19.55
N PRO B 45 12.73 5.12 18.84
CA PRO B 45 12.04 3.95 19.38
C PRO B 45 13.01 2.83 19.82
N THR B 46 12.67 2.17 20.93
CA THR B 46 13.46 1.08 21.57
C THR B 46 13.81 0.00 20.56
N PRO B 47 12.86 -0.48 19.72
CA PRO B 47 13.16 -1.53 18.74
C PRO B 47 14.33 -1.19 17.81
N VAL B 48 14.53 0.08 17.47
CA VAL B 48 15.67 0.55 16.64
C VAL B 48 16.96 0.39 17.46
N ILE B 49 16.93 0.79 18.72
CA ILE B 49 18.10 0.68 19.65
C ILE B 49 18.48 -0.80 19.77
N LYS B 50 17.50 -1.66 20.07
CA LYS B 50 17.72 -3.13 20.23
C LYS B 50 18.30 -3.72 18.94
N ALA B 51 17.76 -3.33 17.78
CA ALA B 51 18.21 -3.81 16.44
C ALA B 51 19.66 -3.39 16.19
N PHE B 52 20.05 -2.20 16.66
CA PHE B 52 21.45 -1.72 16.61
C PHE B 52 22.33 -2.67 17.44
N GLY B 53 21.85 -3.08 18.62
CA GLY B 53 22.51 -4.08 19.49
C GLY B 53 22.81 -5.36 18.72
N ILE B 54 21.79 -5.93 18.07
CA ILE B 54 21.88 -7.18 17.27
C ILE B 54 22.93 -6.98 16.16
N LEU B 55 22.84 -5.83 15.47
CA LEU B 55 23.68 -5.48 14.29
C LEU B 55 25.16 -5.35 14.67
N LYS B 56 25.45 -4.63 15.76
CA LYS B 56 26.83 -4.36 16.21
C LYS B 56 27.45 -5.67 16.74
N ARG B 57 26.66 -6.46 17.45
CA ARG B 57 27.00 -7.84 17.88
C ARG B 57 27.47 -8.64 16.65
N ALA B 58 26.68 -8.67 15.58
CA ALA B 58 26.96 -9.42 14.34
C ALA B 58 28.25 -8.89 13.69
N ALA B 59 28.42 -7.57 13.62
CA ALA B 59 29.56 -6.91 12.96
C ALA B 59 30.86 -7.24 13.70
N ALA B 60 30.83 -7.15 15.04
CA ALA B 60 31.99 -7.42 15.94
C ALA B 60 32.49 -8.85 15.72
N GLU B 61 31.60 -9.84 15.79
CA GLU B 61 31.91 -11.28 15.57
C GLU B 61 32.52 -11.44 14.18
N VAL B 62 31.83 -10.97 13.14
CA VAL B 62 32.25 -11.12 11.72
C VAL B 62 33.60 -10.41 11.50
N ASN B 63 33.84 -9.27 12.16
CA ASN B 63 35.04 -8.41 11.92
C ASN B 63 36.32 -9.13 12.40
N GLN B 64 36.19 -10.18 13.22
CA GLN B 64 37.34 -11.03 13.66
C GLN B 64 38.01 -11.67 12.44
N ASP B 65 37.26 -11.91 11.36
CA ASP B 65 37.77 -12.44 10.06
C ASP B 65 38.62 -11.38 9.36
N TYR B 66 38.51 -10.11 9.75
CA TYR B 66 39.12 -8.95 9.04
C TYR B 66 39.98 -8.11 9.99
N GLY B 67 40.50 -8.72 11.07
CA GLY B 67 41.61 -8.17 11.86
C GLY B 67 41.21 -7.57 13.20
N LEU B 68 39.96 -7.72 13.63
CA LEU B 68 39.50 -7.20 14.94
C LEU B 68 39.98 -8.14 16.05
N ASP B 69 40.67 -7.60 17.06
CA ASP B 69 41.19 -8.33 18.24
C ASP B 69 40.04 -9.09 18.91
N PRO B 70 40.11 -10.44 18.98
CA PRO B 70 39.08 -11.24 19.67
C PRO B 70 38.70 -10.79 21.08
N LYS B 71 39.67 -10.32 21.88
CA LYS B 71 39.44 -9.83 23.27
C LYS B 71 38.46 -8.66 23.21
N ILE B 72 38.73 -7.69 22.34
CA ILE B 72 37.89 -6.47 22.10
C ILE B 72 36.54 -6.93 21.53
N ALA B 73 36.58 -7.69 20.43
CA ALA B 73 35.39 -8.22 19.72
C ALA B 73 34.44 -8.88 20.73
N ASN B 74 34.98 -9.68 21.66
CA ASN B 74 34.18 -10.42 22.67
C ASN B 74 33.44 -9.44 23.57
N ALA B 75 34.11 -8.37 24.01
CA ALA B 75 33.57 -7.35 24.95
C ALA B 75 32.49 -6.53 24.23
N ILE B 76 32.75 -6.13 22.97
CA ILE B 76 31.78 -5.44 22.08
C ILE B 76 30.52 -6.32 21.96
N MET B 77 30.70 -7.63 21.75
CA MET B 77 29.58 -8.60 21.58
C MET B 77 28.72 -8.64 22.86
N LYS B 78 29.35 -8.67 24.04
CA LYS B 78 28.65 -8.74 25.35
C LYS B 78 27.86 -7.44 25.59
N ALA B 79 28.48 -6.29 25.30
CA ALA B 79 27.89 -4.95 25.48
C ALA B 79 26.72 -4.77 24.49
N ALA B 80 26.93 -5.14 23.22
CA ALA B 80 25.91 -5.13 22.15
C ALA B 80 24.69 -5.97 22.57
N ASP B 81 24.93 -7.15 23.15
CA ASP B 81 23.86 -8.08 23.61
C ASP B 81 22.99 -7.39 24.67
N GLU B 82 23.61 -6.61 25.57
CA GLU B 82 22.92 -5.87 26.65
C GLU B 82 21.99 -4.82 26.04
N VAL B 83 22.46 -4.10 25.01
CA VAL B 83 21.67 -3.12 24.23
C VAL B 83 20.46 -3.86 23.64
N ALA B 84 20.71 -4.96 22.92
CA ALA B 84 19.70 -5.78 22.21
C ALA B 84 18.65 -6.30 23.20
N GLU B 85 19.06 -6.63 24.43
CA GLU B 85 18.18 -7.22 25.47
C GLU B 85 17.45 -6.10 26.25
N GLY B 86 17.67 -4.84 25.89
CA GLY B 86 16.95 -3.69 26.48
C GLY B 86 17.42 -3.39 27.90
N LYS B 87 18.69 -3.67 28.21
CA LYS B 87 19.27 -3.46 29.57
C LYS B 87 19.83 -2.04 29.70
N LEU B 88 20.05 -1.34 28.57
CA LEU B 88 20.75 -0.04 28.54
C LEU B 88 19.88 1.04 27.85
N ASN B 89 18.55 0.96 27.99
CA ASN B 89 17.60 1.87 27.29
C ASN B 89 17.80 3.32 27.75
N ASP B 90 18.17 3.53 29.01
CA ASP B 90 18.33 4.89 29.62
C ASP B 90 19.56 5.60 29.07
N HIS B 91 20.42 4.93 28.28
CA HIS B 91 21.67 5.51 27.73
C HIS B 91 21.45 5.99 26.29
N PHE B 92 20.19 6.16 25.87
CA PHE B 92 19.79 6.59 24.51
C PHE B 92 18.78 7.74 24.64
N PRO B 93 19.27 9.00 24.79
CA PRO B 93 18.39 10.15 24.97
C PRO B 93 18.00 10.93 23.69
N LEU B 94 18.48 10.50 22.52
CA LEU B 94 18.34 11.25 21.24
C LEU B 94 16.94 11.07 20.65
N VAL B 95 16.44 12.11 19.97
CA VAL B 95 15.08 12.12 19.32
C VAL B 95 15.20 11.62 17.88
N VAL B 96 14.06 11.25 17.31
CA VAL B 96 13.86 10.89 15.88
C VAL B 96 14.31 12.05 15.00
N TRP B 97 14.05 13.28 15.42
CA TRP B 97 14.19 14.52 14.61
C TRP B 97 15.64 15.01 14.69
N GLN B 98 16.53 14.20 14.11
CA GLN B 98 18.01 14.37 14.08
C GLN B 98 18.43 14.35 12.59
N THR B 99 19.70 14.07 12.31
N THR B 99 19.69 14.04 12.30
CA THR B 99 20.22 13.74 10.96
CA THR B 99 20.21 13.83 10.93
C THR B 99 19.30 12.72 10.29
C THR B 99 19.38 12.71 10.26
N GLY B 100 19.02 12.90 8.99
CA GLY B 100 18.10 12.03 8.23
C GLY B 100 18.70 10.67 7.94
N SER B 101 20.01 10.50 8.17
CA SER B 101 20.77 9.23 8.03
C SER B 101 20.72 8.41 9.32
N GLY B 102 20.26 9.01 10.43
CA GLY B 102 20.30 8.41 11.77
C GLY B 102 21.71 8.31 12.31
N THR B 103 22.62 9.17 11.84
CA THR B 103 24.04 9.25 12.25
C THR B 103 24.16 9.43 13.78
N GLN B 104 23.37 10.34 14.38
CA GLN B 104 23.51 10.66 15.82
C GLN B 104 23.28 9.38 16.64
N THR B 105 22.26 8.59 16.28
CA THR B 105 21.89 7.34 16.98
C THR B 105 22.97 6.28 16.77
N ASN B 106 23.52 6.14 15.56
CA ASN B 106 24.64 5.20 15.28
C ASN B 106 25.83 5.53 16.21
N MET B 107 26.17 6.82 16.32
CA MET B 107 27.25 7.33 17.20
C MET B 107 26.89 7.04 18.67
N ASN B 108 25.64 7.28 19.06
CA ASN B 108 25.10 6.99 20.42
C ASN B 108 25.32 5.51 20.73
N VAL B 109 25.02 4.62 19.78
CA VAL B 109 25.17 3.15 19.93
C VAL B 109 26.67 2.81 20.04
N ASN B 110 27.50 3.38 19.15
CA ASN B 110 28.97 3.18 19.12
C ASN B 110 29.60 3.59 20.46
N GLU B 111 29.15 4.71 21.03
CA GLU B 111 29.69 5.28 22.31
C GLU B 111 29.29 4.38 23.48
N VAL B 112 28.01 4.01 23.58
CA VAL B 112 27.44 3.20 24.71
C VAL B 112 28.11 1.83 24.72
N ILE B 113 28.21 1.16 23.58
CA ILE B 113 28.83 -0.20 23.45
C ILE B 113 30.33 -0.06 23.77
N SER B 114 31.00 0.99 23.30
CA SER B 114 32.43 1.28 23.56
C SER B 114 32.69 1.39 25.07
N ASN B 115 31.92 2.22 25.79
CA ASN B 115 32.16 2.52 27.23
C ASN B 115 31.75 1.31 28.09
N ARG B 116 30.69 0.61 27.71
CA ARG B 116 30.23 -0.59 28.46
C ARG B 116 31.27 -1.71 28.29
N ALA B 117 31.82 -1.87 27.09
CA ALA B 117 32.89 -2.84 26.78
C ALA B 117 34.17 -2.47 27.54
N ILE B 118 34.52 -1.18 27.53
CA ILE B 118 35.67 -0.62 28.32
C ILE B 118 35.49 -1.03 29.78
N GLU B 119 34.32 -0.80 30.35
CA GLU B 119 33.98 -1.11 31.77
C GLU B 119 34.20 -2.60 32.03
N MET B 120 33.77 -3.47 31.11
CA MET B 120 33.89 -4.95 31.21
C MET B 120 35.37 -5.35 31.23
N LEU B 121 36.22 -4.61 30.49
CA LEU B 121 37.69 -4.83 30.40
C LEU B 121 38.43 -3.97 31.44
N GLY B 122 37.72 -3.40 32.42
CA GLY B 122 38.28 -2.63 33.55
C GLY B 122 39.02 -1.38 33.12
N GLY B 123 38.61 -0.75 32.00
CA GLY B 123 39.18 0.53 31.52
C GLY B 123 38.45 1.73 32.09
N GLU B 124 38.82 2.94 31.69
CA GLU B 124 38.22 4.22 32.15
C GLU B 124 37.14 4.66 31.16
N LEU B 125 35.92 4.93 31.65
CA LEU B 125 34.78 5.45 30.84
C LEU B 125 35.19 6.79 30.21
N GLY B 126 35.00 6.92 28.89
CA GLY B 126 35.27 8.15 28.13
C GLY B 126 36.64 8.16 27.48
N SER B 127 37.47 7.14 27.76
CA SER B 127 38.90 7.07 27.34
C SER B 127 39.01 6.58 25.90
N LYS B 128 38.00 5.88 25.39
CA LYS B 128 38.01 5.11 24.12
C LYS B 128 39.16 4.08 24.13
N ILE B 129 39.53 3.59 25.32
CA ILE B 129 40.67 2.63 25.53
C ILE B 129 40.18 1.49 26.43
N PRO B 130 40.30 0.21 26.01
CA PRO B 130 40.83 -0.16 24.70
C PRO B 130 39.83 -0.25 23.53
N VAL B 131 38.53 -0.03 23.78
CA VAL B 131 37.45 -0.14 22.75
C VAL B 131 37.11 1.27 22.22
N HIS B 132 37.44 1.52 20.95
CA HIS B 132 37.24 2.82 20.24
C HIS B 132 35.91 2.77 19.50
N PRO B 133 35.00 3.76 19.70
CA PRO B 133 33.69 3.76 19.06
C PRO B 133 33.72 3.60 17.52
N ASN B 134 34.66 4.28 16.85
CA ASN B 134 34.77 4.30 15.37
C ASN B 134 35.66 3.17 14.88
N ASP B 135 36.84 2.98 15.48
CA ASP B 135 37.89 2.05 14.99
C ASP B 135 37.47 0.60 15.22
N HIS B 136 36.70 0.32 16.29
CA HIS B 136 36.30 -1.05 16.70
C HIS B 136 34.79 -1.27 16.51
N VAL B 137 33.95 -0.51 17.24
CA VAL B 137 32.47 -0.76 17.29
C VAL B 137 31.84 -0.44 15.93
N ASN B 138 32.37 0.55 15.20
CA ASN B 138 31.83 1.01 13.89
C ASN B 138 32.68 0.46 12.74
N LYS B 139 33.58 -0.49 13.01
CA LYS B 139 34.54 -1.05 12.01
C LYS B 139 33.78 -1.66 10.83
N SER B 140 34.15 -1.29 9.60
CA SER B 140 33.61 -1.80 8.31
C SER B 140 32.22 -1.20 8.01
N GLN B 141 31.79 -0.18 8.75
CA GLN B 141 30.40 0.33 8.75
C GLN B 141 30.34 1.84 8.46
N SER B 142 29.19 2.29 7.98
CA SER B 142 28.72 3.70 7.99
C SER B 142 27.34 3.75 8.66
N SER B 143 26.86 4.94 9.06
CA SER B 143 25.45 5.17 9.44
C SER B 143 24.55 4.82 8.25
N ASN B 144 25.04 5.11 7.04
CA ASN B 144 24.27 5.02 5.78
C ASN B 144 23.80 3.59 5.54
N ASP B 145 24.58 2.57 5.92
CA ASP B 145 24.22 1.14 5.72
C ASP B 145 23.75 0.51 7.04
N THR B 146 24.18 1.03 8.20
CA THR B 146 23.80 0.45 9.52
C THR B 146 22.39 0.90 9.91
N PHE B 147 22.03 2.17 9.71
CA PHE B 147 20.70 2.67 10.13
C PHE B 147 19.61 1.94 9.35
N PRO B 148 19.69 1.84 8.00
CA PRO B 148 18.78 0.99 7.24
C PRO B 148 18.71 -0.47 7.72
N THR B 149 19.85 -1.04 8.08
CA THR B 149 19.94 -2.43 8.60
C THR B 149 19.12 -2.52 9.89
N ALA B 150 19.31 -1.57 10.80
CA ALA B 150 18.58 -1.50 12.09
C ALA B 150 17.07 -1.34 11.84
N MET B 151 16.68 -0.52 10.86
CA MET B 151 15.26 -0.27 10.50
C MET B 151 14.59 -1.59 10.13
N HIS B 152 15.24 -2.37 9.25
CA HIS B 152 14.68 -3.62 8.69
C HIS B 152 14.63 -4.71 9.77
N ILE B 153 15.67 -4.81 10.61
CA ILE B 153 15.69 -5.76 11.76
C ILE B 153 14.54 -5.41 12.71
N ALA B 154 14.41 -4.13 13.07
CA ALA B 154 13.37 -3.62 14.00
C ALA B 154 11.99 -3.90 13.41
N ALA B 155 11.78 -3.58 12.13
CA ALA B 155 10.49 -3.75 11.42
C ALA B 155 10.09 -5.23 11.40
N ALA B 156 11.02 -6.10 10.97
CA ALA B 156 10.80 -7.56 10.87
C ALA B 156 10.43 -8.16 12.23
N ILE B 157 11.17 -7.82 13.28
CA ILE B 157 10.92 -8.34 14.67
C ILE B 157 9.53 -7.86 15.14
N GLU B 158 9.19 -6.59 14.92
CA GLU B 158 7.87 -6.03 15.36
C GLU B 158 6.73 -6.76 14.63
N VAL B 159 6.91 -7.04 13.33
CA VAL B 159 5.91 -7.76 12.50
C VAL B 159 5.71 -9.18 13.05
N HIS B 160 6.80 -9.91 13.31
CA HIS B 160 6.76 -11.34 13.73
C HIS B 160 6.35 -11.47 15.20
N GLU B 161 6.75 -10.54 16.06
CA GLU B 161 6.56 -10.65 17.55
C GLU B 161 5.24 -10.00 18.00
N VAL B 162 4.74 -8.97 17.30
CA VAL B 162 3.63 -8.12 17.80
C VAL B 162 2.48 -8.10 16.79
N LEU B 163 2.73 -7.68 15.54
CA LEU B 163 1.65 -7.41 14.55
C LEU B 163 0.93 -8.72 14.18
N LEU B 164 1.65 -9.71 13.66
CA LEU B 164 1.03 -10.96 13.13
C LEU B 164 0.40 -11.78 14.28
N PRO B 165 1.07 -11.98 15.44
CA PRO B 165 0.44 -12.65 16.56
C PRO B 165 -0.88 -12.00 17.00
N GLY B 166 -0.92 -10.66 17.03
CA GLY B 166 -2.14 -9.88 17.31
C GLY B 166 -3.26 -10.20 16.35
N LEU B 167 -2.96 -10.17 15.05
CA LEU B 167 -3.95 -10.44 13.98
C LEU B 167 -4.38 -11.92 14.01
N GLN B 168 -3.46 -12.83 14.35
CA GLN B 168 -3.76 -14.28 14.47
C GLN B 168 -4.81 -14.50 15.57
N LYS B 169 -4.61 -13.90 16.75
CA LYS B 169 -5.57 -13.97 17.89
C LYS B 169 -6.93 -13.43 17.45
N LEU B 170 -6.96 -12.30 16.73
CA LEU B 170 -8.22 -11.68 16.23
C LEU B 170 -8.89 -12.61 15.21
N HIS B 171 -8.12 -13.17 14.26
CA HIS B 171 -8.62 -14.14 13.25
C HIS B 171 -9.32 -15.31 13.96
N ASP B 172 -8.66 -15.92 14.94
CA ASP B 172 -9.12 -17.16 15.63
C ASP B 172 -10.40 -16.87 16.42
N ALA B 173 -10.46 -15.71 17.09
CA ALA B 173 -11.62 -15.27 17.90
C ALA B 173 -12.81 -15.02 16.99
N LEU B 174 -12.61 -14.33 15.86
CA LEU B 174 -13.69 -14.04 14.88
C LEU B 174 -14.20 -15.35 14.28
N ASP B 175 -13.30 -16.30 13.99
CA ASP B 175 -13.64 -17.60 13.37
C ASP B 175 -14.47 -18.44 14.35
N ALA B 176 -14.09 -18.46 15.63
CA ALA B 176 -14.85 -19.13 16.71
C ALA B 176 -16.28 -18.58 16.72
N LYS B 177 -16.44 -17.26 16.67
CA LYS B 177 -17.76 -16.58 16.72
C LYS B 177 -18.55 -16.90 15.46
N SER B 178 -17.89 -16.94 14.29
CA SER B 178 -18.50 -17.32 13.00
C SER B 178 -19.17 -18.69 13.15
N LYS B 179 -18.45 -19.67 13.70
CA LYS B 179 -18.95 -21.05 13.90
C LYS B 179 -20.12 -21.02 14.90
N GLU B 180 -19.91 -20.37 16.05
CA GLU B 180 -20.91 -20.22 17.14
C GLU B 180 -22.22 -19.65 16.60
N PHE B 181 -22.16 -18.68 15.67
CA PHE B 181 -23.33 -17.92 15.16
C PHE B 181 -23.80 -18.44 13.79
N ALA B 182 -23.35 -19.64 13.38
CA ALA B 182 -23.60 -20.23 12.04
C ALA B 182 -25.10 -20.50 11.80
N GLN B 183 -25.91 -20.70 12.86
CA GLN B 183 -27.34 -21.08 12.76
C GLN B 183 -28.25 -19.85 12.80
N ILE B 184 -27.77 -18.72 13.34
CA ILE B 184 -28.58 -17.51 13.60
C ILE B 184 -28.80 -16.77 12.28
N ILE B 185 -30.05 -16.69 11.81
CA ILE B 185 -30.43 -15.97 10.56
C ILE B 185 -30.80 -14.53 10.94
N LYS B 186 -30.04 -13.57 10.41
CA LYS B 186 -30.25 -12.11 10.63
C LYS B 186 -30.60 -11.46 9.29
N ILE B 187 -30.93 -10.17 9.30
CA ILE B 187 -31.26 -9.43 8.04
C ILE B 187 -29.98 -8.76 7.55
N GLY B 188 -29.67 -8.95 6.27
CA GLY B 188 -28.61 -8.20 5.57
C GLY B 188 -29.00 -6.75 5.44
N ARG B 189 -28.00 -5.86 5.40
CA ARG B 189 -28.19 -4.41 5.19
C ARG B 189 -27.24 -3.97 4.08
N THR B 190 -27.80 -3.40 3.01
CA THR B 190 -27.06 -2.79 1.90
C THR B 190 -27.56 -1.36 1.75
N HIS B 191 -26.63 -0.39 1.66
CA HIS B 191 -26.91 1.06 1.70
C HIS B 191 -27.50 1.45 3.07
N THR B 192 -27.30 0.59 4.09
CA THR B 192 -27.90 0.64 5.46
C THR B 192 -29.37 0.23 5.45
N GLN B 193 -29.94 -0.13 4.30
CA GLN B 193 -31.39 -0.48 4.15
C GLN B 193 -31.60 -1.98 4.38
N ASP B 194 -32.78 -2.33 4.91
CA ASP B 194 -33.26 -3.73 5.10
C ASP B 194 -33.08 -4.48 3.78
N ALA B 195 -32.34 -5.58 3.80
CA ALA B 195 -32.04 -6.41 2.60
C ALA B 195 -32.53 -7.84 2.84
N VAL B 196 -31.93 -8.83 2.18
CA VAL B 196 -32.32 -10.27 2.28
C VAL B 196 -31.49 -10.91 3.39
N PRO B 197 -31.89 -12.09 3.91
CA PRO B 197 -31.19 -12.72 5.02
C PRO B 197 -29.77 -13.22 4.71
N LEU B 198 -28.96 -13.36 5.75
CA LEU B 198 -27.71 -14.16 5.81
C LEU B 198 -27.52 -14.57 7.27
N THR B 199 -26.69 -15.56 7.58
CA THR B 199 -26.41 -15.95 8.98
C THR B 199 -25.42 -14.94 9.57
N LEU B 200 -25.48 -14.74 10.89
CA LEU B 200 -24.52 -13.91 11.65
C LEU B 200 -23.14 -14.55 11.49
N GLY B 201 -23.09 -15.87 11.34
CA GLY B 201 -21.87 -16.64 11.05
C GLY B 201 -21.28 -16.28 9.70
N GLN B 202 -22.13 -16.10 8.68
CA GLN B 202 -21.74 -15.69 7.30
C GLN B 202 -21.14 -14.28 7.34
N GLU B 203 -21.81 -13.34 8.02
CA GLU B 203 -21.36 -11.93 8.18
C GLU B 203 -19.97 -11.91 8.83
N PHE B 204 -19.79 -12.70 9.90
CA PHE B 204 -18.52 -12.81 10.67
C PHE B 204 -17.43 -13.51 9.83
N SER B 205 -17.81 -14.39 8.91
CA SER B 205 -16.87 -15.09 8.01
C SER B 205 -16.19 -14.05 7.09
N GLY B 206 -16.93 -13.02 6.70
CA GLY B 206 -16.40 -11.83 5.99
C GLY B 206 -15.25 -11.21 6.76
N TYR B 207 -15.47 -10.92 8.05
CA TYR B 207 -14.45 -10.33 8.96
C TYR B 207 -13.24 -11.26 9.04
N VAL B 208 -13.49 -12.57 9.18
CA VAL B 208 -12.41 -13.62 9.29
C VAL B 208 -11.52 -13.54 8.05
N GLN B 209 -12.12 -13.52 6.85
CA GLN B 209 -11.42 -13.46 5.55
C GLN B 209 -10.57 -12.19 5.49
N GLN B 210 -11.14 -11.05 5.88
CA GLN B 210 -10.45 -9.73 5.89
C GLN B 210 -9.17 -9.82 6.75
N VAL B 211 -9.25 -10.46 7.91
CA VAL B 211 -8.09 -10.55 8.86
C VAL B 211 -7.09 -11.57 8.30
N LYS B 212 -7.58 -12.68 7.76
CA LYS B 212 -6.72 -13.70 7.10
C LYS B 212 -5.92 -13.03 5.99
N TYR B 213 -6.61 -12.25 5.14
CA TYR B 213 -6.00 -11.54 3.98
C TYR B 213 -5.06 -10.43 4.48
N ALA B 214 -5.35 -9.80 5.61
CA ALA B 214 -4.46 -8.80 6.25
C ALA B 214 -3.10 -9.44 6.57
N MET B 215 -3.12 -10.64 7.17
CA MET B 215 -1.88 -11.38 7.53
C MET B 215 -1.14 -11.79 6.26
N THR B 216 -1.85 -12.22 5.20
CA THR B 216 -1.27 -12.57 3.88
C THR B 216 -0.60 -11.32 3.26
N ARG B 217 -1.29 -10.18 3.30
CA ARG B 217 -0.79 -8.89 2.75
C ARG B 217 0.49 -8.47 3.47
N ILE B 218 0.52 -8.56 4.81
CA ILE B 218 1.71 -8.18 5.63
C ILE B 218 2.87 -9.11 5.26
N LYS B 219 2.63 -10.43 5.19
CA LYS B 219 3.68 -11.43 4.83
C LYS B 219 4.16 -11.18 3.39
N ALA B 220 3.27 -10.78 2.48
CA ALA B 220 3.61 -10.48 1.07
C ALA B 220 4.52 -9.23 0.99
N ALA B 221 4.50 -8.37 2.02
CA ALA B 221 5.25 -7.08 2.05
C ALA B 221 6.59 -7.22 2.78
N MET B 222 6.97 -8.43 3.20
CA MET B 222 8.16 -8.69 4.07
C MET B 222 9.41 -9.06 3.28
N PRO B 223 9.34 -9.75 2.10
CA PRO B 223 10.55 -10.24 1.44
C PRO B 223 11.68 -9.21 1.32
N ARG B 224 11.35 -7.94 1.04
CA ARG B 224 12.35 -6.89 0.78
C ARG B 224 12.72 -6.17 2.10
N ILE B 225 11.94 -6.38 3.17
CA ILE B 225 12.34 -5.97 4.55
C ILE B 225 13.48 -6.88 5.02
N TYR B 226 13.54 -8.14 4.56
CA TYR B 226 14.59 -9.11 4.95
C TYR B 226 15.93 -8.77 4.27
N GLU B 227 15.95 -7.87 3.29
CA GLU B 227 17.20 -7.38 2.65
C GLU B 227 17.87 -6.34 3.56
N LEU B 228 19.14 -6.57 3.92
CA LEU B 228 19.92 -5.69 4.81
C LEU B 228 20.96 -4.92 3.99
N ALA B 229 21.11 -3.62 4.27
CA ALA B 229 21.99 -2.69 3.54
C ALA B 229 23.44 -2.86 3.96
N ALA B 230 23.67 -3.43 5.16
CA ALA B 230 25.01 -3.62 5.79
C ALA B 230 26.00 -4.12 4.73
N GLY B 231 27.04 -3.31 4.45
CA GLY B 231 28.08 -3.62 3.45
C GLY B 231 28.18 -2.54 2.39
N GLY B 232 27.13 -1.74 2.23
CA GLY B 232 27.06 -0.63 1.25
C GLY B 232 27.97 0.53 1.63
N THR B 233 28.28 0.67 2.92
CA THR B 233 29.05 1.78 3.54
C THR B 233 28.46 3.13 3.09
N ALA B 234 29.28 4.02 2.51
CA ALA B 234 28.98 5.46 2.35
C ALA B 234 27.90 5.68 1.27
N VAL B 235 28.07 5.09 0.08
CA VAL B 235 27.24 5.37 -1.12
C VAL B 235 26.72 4.07 -1.76
N GLY B 236 27.06 2.90 -1.23
CA GLY B 236 26.61 1.59 -1.74
C GLY B 236 27.71 0.79 -2.42
N THR B 237 28.88 1.38 -2.67
CA THR B 237 30.05 0.73 -3.34
C THR B 237 30.69 -0.31 -2.42
N GLY B 238 30.56 -0.14 -1.10
CA GLY B 238 31.25 -0.96 -0.09
C GLY B 238 32.70 -0.56 0.05
N LEU B 239 33.04 0.67 -0.34
CA LEU B 239 34.39 1.26 -0.16
C LEU B 239 34.80 1.14 1.31
N ASN B 240 36.03 0.68 1.55
CA ASN B 240 36.67 0.54 2.89
C ASN B 240 35.91 -0.49 3.73
N THR B 241 35.31 -1.50 3.09
CA THR B 241 34.83 -2.74 3.74
C THR B 241 35.40 -3.93 2.97
N ARG B 242 35.39 -5.12 3.58
CA ARG B 242 36.04 -6.34 3.02
C ARG B 242 35.00 -7.21 2.29
N ILE B 243 35.43 -7.86 1.21
CA ILE B 243 34.62 -8.86 0.44
C ILE B 243 34.13 -9.93 1.42
N GLY B 244 32.83 -10.26 1.38
CA GLY B 244 32.19 -11.27 2.24
C GLY B 244 31.55 -10.67 3.49
N PHE B 245 31.94 -9.48 3.91
CA PHE B 245 31.42 -8.81 5.14
C PHE B 245 29.89 -8.67 5.05
N ALA B 246 29.36 -8.21 3.90
CA ALA B 246 27.92 -7.98 3.68
C ALA B 246 27.14 -9.28 3.89
N GLU B 247 27.61 -10.38 3.29
CA GLU B 247 26.95 -11.71 3.33
C GLU B 247 27.03 -12.30 4.73
N LYS B 248 28.19 -12.18 5.38
CA LYS B 248 28.48 -12.77 6.72
C LYS B 248 27.63 -12.06 7.78
N VAL B 249 27.52 -10.74 7.72
CA VAL B 249 26.74 -9.93 8.71
C VAL B 249 25.27 -10.32 8.60
N ALA B 250 24.74 -10.42 7.37
CA ALA B 250 23.33 -10.78 7.09
C ALA B 250 23.04 -12.19 7.64
N ALA B 251 23.94 -13.15 7.36
CA ALA B 251 23.81 -14.56 7.81
C ALA B 251 23.86 -14.63 9.35
N LYS B 252 24.74 -13.84 9.97
CA LYS B 252 24.87 -13.75 11.44
C LYS B 252 23.57 -13.21 12.04
N VAL B 253 23.00 -12.15 11.46
CA VAL B 253 21.73 -11.54 11.96
C VAL B 253 20.60 -12.57 11.81
N ALA B 254 20.55 -13.29 10.68
CA ALA B 254 19.55 -14.36 10.43
C ALA B 254 19.64 -15.41 11.54
N ALA B 255 20.86 -15.86 11.86
CA ALA B 255 21.14 -16.87 12.92
C ALA B 255 20.73 -16.33 14.29
N LEU B 256 21.03 -15.07 14.60
CA LEU B 256 20.76 -14.45 15.93
C LEU B 256 19.25 -14.26 16.13
N THR B 257 18.51 -13.98 15.06
CA THR B 257 17.06 -13.63 15.11
C THR B 257 16.18 -14.83 14.73
N GLY B 258 16.70 -15.79 13.96
CA GLY B 258 15.90 -16.88 13.38
C GLY B 258 14.94 -16.38 12.31
N LEU B 259 15.24 -15.24 11.68
CA LEU B 259 14.45 -14.66 10.55
C LEU B 259 15.33 -14.68 9.32
N PRO B 260 14.75 -14.84 8.11
CA PRO B 260 15.52 -15.07 6.88
C PRO B 260 16.13 -13.80 6.27
N PHE B 261 16.91 -13.07 7.06
CA PHE B 261 17.68 -11.89 6.59
C PHE B 261 18.72 -12.34 5.56
N VAL B 262 18.88 -11.54 4.51
CA VAL B 262 19.88 -11.71 3.42
C VAL B 262 20.41 -10.32 3.09
N THR B 263 21.59 -10.23 2.46
CA THR B 263 22.19 -8.94 2.04
C THR B 263 21.36 -8.42 0.87
N ALA B 264 21.12 -7.11 0.81
CA ALA B 264 20.38 -6.46 -0.30
C ALA B 264 21.17 -6.69 -1.59
N PRO B 265 20.57 -7.30 -2.64
CA PRO B 265 21.27 -7.53 -3.89
C PRO B 265 21.82 -6.24 -4.53
N ASN B 266 21.15 -5.10 -4.30
CA ASN B 266 21.58 -3.78 -4.84
C ASN B 266 21.63 -2.76 -3.70
N LYS B 267 22.83 -2.39 -3.27
CA LYS B 267 23.10 -1.53 -2.09
C LYS B 267 22.77 -0.07 -2.42
N PHE B 268 22.73 0.29 -3.71
CA PHE B 268 22.38 1.67 -4.16
C PHE B 268 20.89 1.88 -3.86
N GLU B 269 20.05 0.95 -4.31
CA GLU B 269 18.59 0.91 -4.02
C GLU B 269 18.36 0.90 -2.50
N ALA B 270 19.21 0.19 -1.73
CA ALA B 270 19.05 -0.01 -0.27
C ALA B 270 19.34 1.28 0.51
N LEU B 271 20.23 2.14 0.01
CA LEU B 271 20.65 3.39 0.71
C LEU B 271 19.83 4.59 0.22
N ALA B 272 19.57 4.66 -1.09
CA ALA B 272 18.97 5.81 -1.81
C ALA B 272 17.44 5.87 -1.62
N ALA B 273 16.83 4.80 -1.10
CA ALA B 273 15.36 4.65 -1.00
C ALA B 273 15.02 3.67 0.13
N HIS B 274 13.83 3.81 0.73
CA HIS B 274 13.26 2.84 1.69
C HIS B 274 11.88 2.42 1.20
N ASP B 275 11.84 1.92 -0.04
CA ASP B 275 10.59 1.52 -0.74
C ASP B 275 9.95 0.34 0.01
N ALA B 276 10.75 -0.50 0.67
CA ALA B 276 10.25 -1.67 1.44
C ALA B 276 9.45 -1.19 2.67
N LEU B 277 9.86 -0.10 3.31
CA LEU B 277 9.10 0.49 4.45
C LEU B 277 7.77 1.07 3.94
N VAL B 278 7.77 1.68 2.75
CA VAL B 278 6.54 2.22 2.11
C VAL B 278 5.61 1.06 1.77
N GLU B 279 6.17 -0.04 1.26
CA GLU B 279 5.44 -1.29 0.91
C GLU B 279 4.81 -1.88 2.17
N LEU B 280 5.58 -2.03 3.25
CA LEU B 280 5.10 -2.61 4.53
C LEU B 280 4.02 -1.70 5.12
N SER B 281 4.25 -0.38 5.14
CA SER B 281 3.27 0.62 5.61
C SER B 281 1.96 0.47 4.81
N GLY B 282 2.06 0.24 3.49
CA GLY B 282 0.91 0.01 2.60
C GLY B 282 0.08 -1.20 3.00
N ALA B 283 0.73 -2.29 3.40
CA ALA B 283 0.07 -3.53 3.89
C ALA B 283 -0.68 -3.21 5.21
N MET B 284 -0.05 -2.44 6.08
CA MET B 284 -0.65 -2.03 7.39
C MET B 284 -1.80 -1.06 7.13
N ASN B 285 -1.70 -0.25 6.06
CA ASN B 285 -2.76 0.70 5.63
C ASN B 285 -4.00 -0.09 5.20
N THR B 286 -3.83 -1.15 4.40
CA THR B 286 -4.93 -2.06 3.97
C THR B 286 -5.54 -2.73 5.19
N THR B 287 -4.70 -3.26 6.09
CA THR B 287 -5.11 -3.87 7.38
C THR B 287 -6.00 -2.86 8.14
N ALA B 288 -5.60 -1.59 8.20
CA ALA B 288 -6.34 -0.52 8.92
C ALA B 288 -7.74 -0.33 8.31
N CYS B 289 -7.88 -0.44 6.98
CA CYS B 289 -9.19 -0.35 6.27
C CYS B 289 -10.09 -1.51 6.68
N SER B 290 -9.53 -2.72 6.74
CA SER B 290 -10.23 -3.95 7.15
C SER B 290 -10.72 -3.80 8.60
N LEU B 291 -9.84 -3.38 9.51
CA LEU B 291 -10.12 -3.29 10.97
C LEU B 291 -11.12 -2.16 11.24
N MET B 292 -11.04 -1.05 10.49
CA MET B 292 -12.03 0.07 10.60
C MET B 292 -13.44 -0.49 10.34
N LYS B 293 -13.59 -1.27 9.29
CA LYS B 293 -14.88 -1.84 8.83
C LYS B 293 -15.40 -2.83 9.89
N ILE B 294 -14.55 -3.75 10.34
CA ILE B 294 -14.92 -4.81 11.33
C ILE B 294 -15.38 -4.13 12.62
N ALA B 295 -14.55 -3.24 13.18
CA ALA B 295 -14.79 -2.57 14.47
C ALA B 295 -16.04 -1.68 14.35
N ASN B 296 -16.20 -0.97 13.22
CA ASN B 296 -17.34 -0.04 13.04
C ASN B 296 -18.64 -0.84 12.90
N ASP B 297 -18.64 -1.96 12.18
CA ASP B 297 -19.81 -2.85 12.02
C ASP B 297 -20.26 -3.35 13.40
N ILE B 298 -19.33 -3.85 14.21
CA ILE B 298 -19.60 -4.43 15.54
C ILE B 298 -20.16 -3.34 16.47
N ARG B 299 -19.58 -2.13 16.40
CA ARG B 299 -20.07 -0.90 17.11
C ARG B 299 -21.57 -0.70 16.81
N PHE B 300 -21.94 -0.68 15.54
CA PHE B 300 -23.31 -0.36 15.06
C PHE B 300 -24.26 -1.53 15.30
N LEU B 301 -23.79 -2.77 15.15
CA LEU B 301 -24.61 -3.98 15.39
C LEU B 301 -24.92 -4.10 16.90
N GLY B 302 -24.04 -3.58 17.76
CA GLY B 302 -24.21 -3.61 19.22
C GLY B 302 -24.97 -2.40 19.75
N SER B 303 -25.43 -1.50 18.88
CA SER B 303 -26.00 -0.19 19.24
C SER B 303 -27.37 -0.36 19.91
N GLY B 304 -27.62 0.39 20.98
CA GLY B 304 -28.94 0.49 21.64
C GLY B 304 -28.81 0.87 23.11
N PRO B 305 -29.36 0.09 24.07
CA PRO B 305 -29.96 -1.22 23.77
C PRO B 305 -31.33 -1.25 23.07
N ARG B 306 -32.02 -0.12 22.91
CA ARG B 306 -33.44 -0.08 22.46
C ARG B 306 -33.61 0.68 21.13
N SER B 307 -32.97 1.83 20.97
CA SER B 307 -33.16 2.74 19.80
C SER B 307 -31.99 2.63 18.81
N GLY B 308 -31.25 1.52 18.84
CA GLY B 308 -30.21 1.17 17.85
C GLY B 308 -30.59 -0.06 17.05
N LEU B 309 -29.60 -0.85 16.61
CA LEU B 309 -29.84 -2.14 15.90
C LEU B 309 -29.98 -3.26 16.94
N GLY B 310 -29.07 -3.31 17.92
CA GLY B 310 -29.14 -4.18 19.10
C GLY B 310 -29.08 -5.66 18.77
N GLU B 311 -28.42 -6.03 17.66
CA GLU B 311 -28.26 -7.44 17.22
C GLU B 311 -27.18 -8.13 18.05
N LEU B 312 -26.13 -7.42 18.48
CA LEU B 312 -25.04 -7.98 19.30
C LEU B 312 -25.11 -7.42 20.72
N ILE B 313 -24.68 -8.22 21.69
CA ILE B 313 -24.44 -7.81 23.09
C ILE B 313 -22.93 -7.87 23.31
N LEU B 314 -22.29 -6.70 23.43
CA LEU B 314 -20.82 -6.56 23.60
C LEU B 314 -20.48 -6.68 25.09
N PRO B 315 -19.36 -7.33 25.47
CA PRO B 315 -18.97 -7.42 26.87
C PRO B 315 -18.83 -6.05 27.53
N GLU B 316 -19.33 -5.89 28.75
CA GLU B 316 -19.12 -4.70 29.61
C GLU B 316 -17.82 -4.91 30.40
N ASN B 317 -16.83 -4.03 30.21
CA ASN B 317 -15.50 -4.08 30.87
C ASN B 317 -15.39 -2.97 31.92
N GLU B 318 -16.06 -1.83 31.69
CA GLU B 318 -16.09 -0.65 32.60
C GLU B 318 -17.48 -0.54 33.23
N PRO B 319 -17.59 0.09 34.42
CA PRO B 319 -18.90 0.52 34.94
C PRO B 319 -19.54 1.54 33.99
N GLY B 320 -20.87 1.66 34.05
CA GLY B 320 -21.67 2.59 33.21
C GLY B 320 -21.43 4.04 33.58
N SER B 321 -21.90 4.96 32.74
CA SER B 321 -21.84 6.43 32.94
C SER B 321 -22.63 6.80 34.20
N SER B 322 -22.15 7.81 34.95
CA SER B 322 -22.83 8.40 36.13
C SER B 322 -23.76 9.52 35.68
N ILE B 323 -23.49 10.15 34.52
CA ILE B 323 -24.29 11.29 33.99
C ILE B 323 -25.49 10.73 33.19
N MET B 324 -25.33 9.57 32.53
CA MET B 324 -26.44 8.80 31.91
C MET B 324 -26.46 7.42 32.56
N PRO B 325 -27.20 7.26 33.68
CA PRO B 325 -27.02 6.13 34.59
C PRO B 325 -27.03 4.74 33.92
N GLY B 326 -25.93 4.01 34.05
CA GLY B 326 -25.80 2.61 33.60
C GLY B 326 -25.42 2.46 32.13
N LYS B 327 -25.30 3.56 31.39
CA LYS B 327 -24.97 3.57 29.93
C LYS B 327 -23.55 3.01 29.73
N VAL B 328 -23.42 2.01 28.85
CA VAL B 328 -22.16 1.27 28.57
C VAL B 328 -21.88 1.32 27.07
N ASN B 329 -20.61 1.49 26.68
CA ASN B 329 -20.22 1.96 25.33
C ASN B 329 -19.23 0.98 24.69
N PRO B 330 -19.22 0.85 23.35
CA PRO B 330 -18.29 -0.04 22.67
C PRO B 330 -16.87 0.56 22.61
N THR B 331 -16.17 0.54 23.75
CA THR B 331 -14.93 1.34 23.95
C THR B 331 -13.76 0.71 23.20
N GLN B 332 -13.75 -0.62 23.03
CA GLN B 332 -12.67 -1.33 22.29
C GLN B 332 -12.78 -1.02 20.79
N CYS B 333 -14.01 -0.87 20.28
CA CYS B 333 -14.30 -0.46 18.88
C CYS B 333 -13.72 0.93 18.62
N GLU B 334 -13.78 1.81 19.62
CA GLU B 334 -13.29 3.21 19.54
C GLU B 334 -11.76 3.22 19.49
N ALA B 335 -11.11 2.48 20.39
CA ALA B 335 -9.64 2.33 20.45
C ALA B 335 -9.15 1.78 19.09
N MET B 336 -9.83 0.77 18.53
CA MET B 336 -9.44 0.11 17.27
C MET B 336 -9.59 1.09 16.09
N THR B 337 -10.72 1.78 15.97
CA THR B 337 -11.01 2.71 14.84
C THR B 337 -10.09 3.95 14.92
N MET B 338 -9.75 4.42 16.12
CA MET B 338 -8.79 5.54 16.29
C MET B 338 -7.40 5.08 15.82
N VAL B 339 -7.00 3.85 16.18
CA VAL B 339 -5.70 3.25 15.73
C VAL B 339 -5.72 3.17 14.20
N ALA B 340 -6.81 2.70 13.60
CA ALA B 340 -6.96 2.55 12.13
C ALA B 340 -6.70 3.90 11.44
N ALA B 341 -7.32 4.96 11.94
CA ALA B 341 -7.16 6.35 11.44
C ALA B 341 -5.70 6.79 11.55
N GLN B 342 -5.05 6.48 12.68
CA GLN B 342 -3.63 6.83 12.94
C GLN B 342 -2.72 6.15 11.90
N VAL B 343 -2.96 4.87 11.62
CA VAL B 343 -2.12 4.07 10.68
C VAL B 343 -2.18 4.72 9.29
N MET B 344 -3.36 5.22 8.90
CA MET B 344 -3.60 5.85 7.58
C MET B 344 -2.79 7.15 7.46
N GLY B 345 -2.75 7.95 8.53
CA GLY B 345 -1.93 9.18 8.60
C GLY B 345 -0.44 8.83 8.59
N ASN B 346 -0.03 7.88 9.43
CA ASN B 346 1.37 7.40 9.50
C ASN B 346 1.82 6.99 8.10
N HIS B 347 0.95 6.32 7.35
CA HIS B 347 1.27 5.82 5.99
C HIS B 347 1.64 6.99 5.06
N VAL B 348 0.92 8.10 5.16
CA VAL B 348 1.18 9.31 4.33
C VAL B 348 2.54 9.91 4.73
N ALA B 349 2.85 9.95 6.03
CA ALA B 349 4.17 10.41 6.54
C ALA B 349 5.28 9.56 5.91
N VAL B 350 5.09 8.23 5.90
CA VAL B 350 6.09 7.25 5.39
C VAL B 350 6.27 7.48 3.88
N THR B 351 5.16 7.67 3.16
CA THR B 351 5.11 7.90 1.69
C THR B 351 5.89 9.17 1.35
N VAL B 352 5.66 10.28 2.06
CA VAL B 352 6.33 11.58 1.77
C VAL B 352 7.84 11.41 1.96
N GLY B 353 8.25 10.80 3.08
CA GLY B 353 9.67 10.46 3.36
C GLY B 353 10.27 9.59 2.27
N GLY B 354 9.57 8.50 1.92
CA GLY B 354 10.02 7.54 0.90
C GLY B 354 10.22 8.17 -0.48
N SER B 355 9.41 9.17 -0.82
CA SER B 355 9.40 9.82 -2.16
C SER B 355 10.55 10.83 -2.32
N ASN B 356 11.22 11.20 -1.22
CA ASN B 356 12.11 12.39 -1.15
C ASN B 356 13.59 12.00 -0.96
N GLY B 357 13.99 10.81 -1.42
CA GLY B 357 15.42 10.45 -1.54
C GLY B 357 16.14 11.40 -2.48
N HIS B 358 17.43 11.68 -2.19
CA HIS B 358 18.34 12.50 -3.03
C HIS B 358 19.62 11.71 -3.34
N PHE B 359 19.79 11.32 -4.61
CA PHE B 359 21.03 10.70 -5.15
C PHE B 359 21.32 9.42 -4.35
N GLU B 360 22.42 9.36 -3.59
CA GLU B 360 22.93 8.09 -3.03
C GLU B 360 22.31 7.77 -1.67
N LEU B 361 21.59 8.71 -1.04
CA LEU B 361 21.03 8.51 0.32
C LEU B 361 19.64 9.16 0.47
N ASN B 362 18.67 8.37 0.92
CA ASN B 362 17.39 8.88 1.49
C ASN B 362 17.67 9.34 2.93
N VAL B 363 17.41 10.61 3.25
CA VAL B 363 17.67 11.18 4.60
C VAL B 363 16.34 11.56 5.27
N PHE B 364 15.37 10.63 5.22
CA PHE B 364 14.11 10.67 6.00
C PHE B 364 13.98 9.41 6.87
N LYS B 365 15.11 8.75 7.15
CA LYS B 365 15.15 7.36 7.68
C LYS B 365 14.49 7.28 9.06
N PRO B 366 14.91 8.08 10.06
CA PRO B 366 14.33 7.99 11.41
C PRO B 366 12.81 8.19 11.43
N MET B 367 12.32 9.17 10.67
CA MET B 367 10.88 9.50 10.58
C MET B 367 10.14 8.30 9.99
N MET B 368 10.71 7.64 8.97
CA MET B 368 10.02 6.55 8.24
C MET B 368 9.87 5.35 9.18
N ILE B 369 10.94 4.93 9.87
CA ILE B 369 10.90 3.74 10.77
C ILE B 369 10.02 4.04 11.98
N LYS B 370 10.05 5.25 12.52
CA LYS B 370 9.18 5.66 13.66
C LYS B 370 7.72 5.38 13.31
N ASN B 371 7.27 5.81 12.13
CA ASN B 371 5.86 5.68 11.69
C ASN B 371 5.51 4.21 11.45
N VAL B 372 6.41 3.44 10.83
CA VAL B 372 6.22 1.99 10.54
C VAL B 372 6.09 1.22 11.87
N LEU B 373 6.97 1.48 12.84
CA LEU B 373 6.96 0.77 14.15
C LEU B 373 5.72 1.19 14.94
N HIS B 374 5.35 2.47 14.89
CA HIS B 374 4.14 3.00 15.56
C HIS B 374 2.91 2.24 15.05
N SER B 375 2.74 2.16 13.73
CA SER B 375 1.60 1.48 13.09
C SER B 375 1.56 0.00 13.49
N ALA B 376 2.70 -0.71 13.43
CA ALA B 376 2.80 -2.16 13.69
C ALA B 376 2.42 -2.45 15.15
N ARG B 377 2.96 -1.66 16.09
CA ARG B 377 2.72 -1.78 17.55
C ARG B 377 1.24 -1.53 17.85
N LEU B 378 0.67 -0.45 17.31
CA LEU B 378 -0.74 -0.05 17.57
C LEU B 378 -1.68 -1.13 17.02
N LEU B 379 -1.43 -1.62 15.80
CA LEU B 379 -2.28 -2.65 15.15
C LEU B 379 -2.20 -3.96 15.96
N GLY B 380 -1.00 -4.39 16.32
CA GLY B 380 -0.77 -5.60 17.14
C GLY B 380 -1.49 -5.52 18.48
N ASP B 381 -1.20 -4.48 19.27
CA ASP B 381 -1.77 -4.28 20.63
C ASP B 381 -3.30 -4.12 20.57
N ALA B 382 -3.82 -3.33 19.62
CA ALA B 382 -5.27 -3.09 19.46
C ALA B 382 -5.98 -4.40 19.09
N SER B 383 -5.37 -5.23 18.24
CA SER B 383 -5.91 -6.55 17.81
C SER B 383 -6.08 -7.48 19.02
N VAL B 384 -5.07 -7.54 19.90
CA VAL B 384 -5.11 -8.34 21.15
C VAL B 384 -6.23 -7.79 22.04
N SER B 385 -6.23 -6.48 22.29
CA SER B 385 -7.20 -5.81 23.20
C SER B 385 -8.63 -5.96 22.67
N PHE B 386 -8.84 -5.74 21.37
CA PHE B 386 -10.17 -5.87 20.72
C PHE B 386 -10.66 -7.32 20.81
N THR B 387 -9.74 -8.28 20.69
CA THR B 387 -10.02 -9.74 20.79
C THR B 387 -10.47 -10.09 22.21
N GLU B 388 -9.58 -9.86 23.18
CA GLU B 388 -9.73 -10.31 24.59
C GLU B 388 -10.86 -9.53 25.29
N ASN B 389 -11.04 -8.25 24.98
CA ASN B 389 -11.96 -7.35 25.74
C ASN B 389 -13.23 -7.07 24.94
N CYS B 390 -13.46 -7.70 23.79
CA CYS B 390 -14.72 -7.52 23.03
C CYS B 390 -15.11 -8.80 22.29
N VAL B 391 -14.31 -9.25 21.32
CA VAL B 391 -14.74 -10.28 20.32
C VAL B 391 -15.09 -11.58 21.06
N VAL B 392 -14.20 -12.09 21.93
CA VAL B 392 -14.37 -13.43 22.58
C VAL B 392 -15.65 -13.43 23.42
N GLY B 393 -16.10 -12.28 23.92
CA GLY B 393 -17.28 -12.17 24.80
C GLY B 393 -18.56 -11.73 24.07
N ILE B 394 -18.53 -11.53 22.75
CA ILE B 394 -19.74 -11.08 21.99
C ILE B 394 -20.83 -12.17 22.10
N GLN B 395 -22.06 -11.76 22.38
CA GLN B 395 -23.28 -12.62 22.35
C GLN B 395 -24.26 -12.07 21.31
N ALA B 396 -25.06 -12.94 20.72
CA ALA B 396 -26.16 -12.59 19.79
C ALA B 396 -27.44 -12.37 20.59
N ASN B 397 -28.17 -11.29 20.30
CA ASN B 397 -29.55 -11.05 20.80
C ASN B 397 -30.51 -11.74 19.83
N THR B 398 -30.68 -13.06 20.00
CA THR B 398 -31.42 -13.95 19.06
C THR B 398 -32.88 -13.51 18.94
N GLU B 399 -33.52 -13.13 20.05
CA GLU B 399 -34.93 -12.64 20.04
C GLU B 399 -35.03 -11.42 19.11
N ARG B 400 -34.19 -10.41 19.34
CA ARG B 400 -34.19 -9.13 18.59
C ARG B 400 -33.82 -9.39 17.11
N ILE B 401 -32.75 -10.16 16.87
CA ILE B 401 -32.28 -10.55 15.51
C ILE B 401 -33.47 -11.15 14.73
N ASN B 402 -34.18 -12.08 15.35
CA ASN B 402 -35.30 -12.84 14.73
C ASN B 402 -36.40 -11.85 14.34
N LYS B 403 -36.74 -10.90 15.23
CA LYS B 403 -37.78 -9.87 14.99
C LYS B 403 -37.38 -9.01 13.77
N LEU B 404 -36.17 -8.44 13.80
CA LEU B 404 -35.65 -7.52 12.75
C LEU B 404 -35.62 -8.22 11.39
N MET B 405 -35.31 -9.51 11.37
CA MET B 405 -35.18 -10.33 10.14
C MET B 405 -36.57 -10.66 9.58
N ASN B 406 -37.46 -11.18 10.43
CA ASN B 406 -38.83 -11.62 10.03
C ASN B 406 -39.65 -10.41 9.53
N GLU B 407 -39.42 -9.22 10.09
CA GLU B 407 -40.19 -7.98 9.79
C GLU B 407 -39.75 -7.35 8.46
N SER B 408 -38.56 -7.70 7.95
CA SER B 408 -37.99 -7.08 6.72
C SER B 408 -38.94 -7.28 5.54
N LEU B 409 -39.28 -6.19 4.85
CA LEU B 409 -40.16 -6.21 3.64
C LEU B 409 -39.47 -6.96 2.50
N MET B 410 -38.14 -7.07 2.54
CA MET B 410 -37.34 -7.60 1.40
C MET B 410 -37.21 -9.14 1.49
N LEU B 411 -37.99 -9.79 2.36
CA LEU B 411 -38.20 -11.27 2.31
C LEU B 411 -39.04 -11.62 1.05
N VAL B 412 -39.76 -10.66 0.48
CA VAL B 412 -40.61 -10.83 -0.75
C VAL B 412 -39.72 -11.17 -1.96
N THR B 413 -38.41 -10.92 -1.86
CA THR B 413 -37.39 -11.30 -2.87
C THR B 413 -37.49 -12.81 -3.20
N ALA B 414 -37.82 -13.63 -2.19
CA ALA B 414 -38.03 -15.10 -2.32
C ALA B 414 -39.14 -15.41 -3.33
N LEU B 415 -40.10 -14.48 -3.52
CA LEU B 415 -41.27 -14.65 -4.43
C LEU B 415 -40.92 -14.26 -5.88
N ASN B 416 -39.72 -13.72 -6.12
CA ASN B 416 -39.27 -13.24 -7.46
C ASN B 416 -39.42 -14.36 -8.49
N PRO B 417 -38.80 -15.55 -8.30
CA PRO B 417 -38.92 -16.64 -9.26
C PRO B 417 -40.32 -17.29 -9.35
N HIS B 418 -41.19 -17.01 -8.37
CA HIS B 418 -42.54 -17.62 -8.24
C HIS B 418 -43.61 -16.74 -8.89
N ILE B 419 -43.62 -15.43 -8.62
CA ILE B 419 -44.69 -14.49 -9.08
C ILE B 419 -44.11 -13.25 -9.79
N GLY B 420 -42.80 -13.17 -10.03
CA GLY B 420 -42.17 -12.03 -10.76
C GLY B 420 -42.02 -10.81 -9.87
N TYR B 421 -40.99 -9.99 -10.13
CA TYR B 421 -40.55 -8.91 -9.20
C TYR B 421 -41.55 -7.74 -9.23
N ASP B 422 -42.34 -7.59 -10.30
CA ASP B 422 -43.40 -6.55 -10.42
C ASP B 422 -44.46 -6.78 -9.34
N LYS B 423 -44.94 -8.03 -9.19
CA LYS B 423 -45.99 -8.42 -8.20
C LYS B 423 -45.39 -8.39 -6.78
N ALA B 424 -44.15 -8.84 -6.61
CA ALA B 424 -43.39 -8.82 -5.35
C ALA B 424 -43.22 -7.38 -4.83
N ALA B 425 -42.96 -6.43 -5.73
CA ALA B 425 -42.77 -4.98 -5.43
C ALA B 425 -44.09 -4.38 -4.94
N LYS B 426 -45.22 -4.78 -5.53
CA LYS B 426 -46.59 -4.32 -5.16
C LYS B 426 -46.90 -4.75 -3.73
N ILE B 427 -46.59 -6.01 -3.37
CA ILE B 427 -46.80 -6.62 -2.02
C ILE B 427 -46.02 -5.80 -0.98
N ALA B 428 -44.75 -5.52 -1.23
CA ALA B 428 -43.83 -4.79 -0.33
C ALA B 428 -44.32 -3.35 -0.13
N LYS B 429 -44.65 -2.65 -1.23
CA LYS B 429 -45.14 -1.25 -1.24
C LYS B 429 -46.46 -1.14 -0.46
N THR B 430 -47.36 -2.12 -0.63
CA THR B 430 -48.71 -2.16 0.00
C THR B 430 -48.58 -2.45 1.51
N ALA B 431 -47.81 -3.48 1.87
CA ALA B 431 -47.53 -3.89 3.26
C ALA B 431 -46.90 -2.72 4.03
N HIS B 432 -45.95 -2.02 3.40
CA HIS B 432 -45.26 -0.81 3.96
C HIS B 432 -46.29 0.28 4.24
N LYS B 433 -47.10 0.64 3.22
CA LYS B 433 -48.11 1.73 3.27
C LYS B 433 -49.20 1.40 4.31
N ASN B 434 -49.52 0.11 4.52
CA ASN B 434 -50.63 -0.34 5.41
C ASN B 434 -50.11 -0.71 6.79
N GLY B 435 -48.79 -0.78 6.99
CA GLY B 435 -48.17 -1.28 8.24
C GLY B 435 -48.52 -2.75 8.47
N SER B 436 -48.63 -3.51 7.39
CA SER B 436 -49.11 -4.92 7.35
C SER B 436 -47.91 -5.87 7.19
N THR B 437 -48.12 -7.17 7.40
CA THR B 437 -47.13 -8.25 7.11
C THR B 437 -47.21 -8.59 5.61
N LEU B 438 -46.14 -9.18 5.07
CA LEU B 438 -46.04 -9.58 3.64
C LEU B 438 -47.11 -10.64 3.35
N LYS B 439 -47.19 -11.67 4.20
CA LYS B 439 -48.11 -12.82 4.04
C LYS B 439 -49.53 -12.33 3.73
N GLU B 440 -50.14 -11.60 4.66
CA GLU B 440 -51.56 -11.20 4.58
C GLU B 440 -51.77 -10.25 3.39
N THR B 441 -50.79 -9.39 3.07
CA THR B 441 -50.86 -8.43 1.93
C THR B 441 -50.91 -9.18 0.60
N ALA B 442 -50.17 -10.31 0.50
CA ALA B 442 -50.10 -11.17 -0.70
C ALA B 442 -51.42 -11.92 -0.88
N ILE B 443 -52.06 -12.35 0.23
CA ILE B 443 -53.38 -13.05 0.24
C ILE B 443 -54.47 -12.03 -0.15
N GLU B 444 -54.54 -10.89 0.56
CA GLU B 444 -55.48 -9.78 0.26
C GLU B 444 -55.30 -9.34 -1.20
N LEU B 445 -54.05 -9.19 -1.67
CA LEU B 445 -53.72 -8.82 -3.08
C LEU B 445 -54.06 -9.97 -4.02
N GLY B 446 -54.07 -11.21 -3.51
CA GLY B 446 -54.50 -12.42 -4.24
C GLY B 446 -53.48 -12.87 -5.27
N TYR B 447 -52.19 -12.82 -4.93
CA TYR B 447 -51.07 -13.30 -5.78
C TYR B 447 -50.68 -14.73 -5.40
N LEU B 448 -51.05 -15.18 -4.19
CA LEU B 448 -50.77 -16.56 -3.69
C LEU B 448 -51.61 -16.84 -2.44
N THR B 449 -51.72 -18.12 -2.06
CA THR B 449 -52.48 -18.60 -0.87
C THR B 449 -51.55 -18.58 0.36
N ALA B 450 -52.15 -18.63 1.56
CA ALA B 450 -51.43 -18.64 2.85
C ALA B 450 -50.44 -19.82 2.89
N GLU B 451 -50.78 -20.94 2.26
CA GLU B 451 -49.97 -22.20 2.22
C GLU B 451 -48.79 -22.02 1.25
N GLN B 452 -49.00 -21.32 0.12
CA GLN B 452 -47.96 -21.05 -0.91
C GLN B 452 -46.85 -20.16 -0.32
N PHE B 453 -47.25 -19.07 0.36
CA PHE B 453 -46.33 -18.10 1.01
C PHE B 453 -45.44 -18.83 2.03
N ASP B 454 -46.03 -19.72 2.83
CA ASP B 454 -45.32 -20.47 3.91
C ASP B 454 -44.33 -21.46 3.28
N GLU B 455 -44.58 -21.89 2.04
CA GLU B 455 -43.70 -22.81 1.29
C GLU B 455 -42.59 -22.02 0.59
N TRP B 456 -42.92 -20.89 -0.03
CA TRP B 456 -42.03 -20.09 -0.92
C TRP B 456 -41.12 -19.13 -0.13
N VAL B 457 -41.50 -18.75 1.09
CA VAL B 457 -40.80 -17.71 1.91
C VAL B 457 -40.33 -18.33 3.23
N LYS B 458 -39.20 -19.05 3.19
CA LYS B 458 -38.51 -19.62 4.39
C LYS B 458 -37.09 -19.06 4.43
N PRO B 459 -36.75 -18.19 5.41
CA PRO B 459 -35.40 -17.64 5.54
C PRO B 459 -34.29 -18.71 5.44
N LYS B 460 -34.52 -19.88 6.04
CA LYS B 460 -33.61 -21.06 6.04
C LYS B 460 -33.19 -21.41 4.60
N ASP B 461 -34.04 -21.11 3.61
CA ASP B 461 -33.84 -21.51 2.19
C ASP B 461 -33.24 -20.37 1.37
N MET B 462 -33.00 -19.18 1.96
CA MET B 462 -32.52 -17.98 1.23
C MET B 462 -31.03 -17.72 1.50
N LEU B 463 -30.28 -18.74 1.94
CA LEU B 463 -28.89 -18.59 2.46
C LEU B 463 -27.86 -19.12 1.46
N GLY B 464 -28.28 -19.57 0.27
CA GLY B 464 -27.41 -20.15 -0.76
C GLY B 464 -28.05 -20.10 -2.14
N PRO B 465 -27.29 -20.38 -3.22
CA PRO B 465 -27.87 -20.57 -4.56
C PRO B 465 -28.60 -21.92 -4.62
N LYS B 466 -29.53 -22.10 -5.56
CA LYS B 466 -30.42 -23.29 -5.65
C LYS B 466 -30.09 -24.08 -6.92
C1 APO C . -28.54 -3.07 -4.59
N2 APO C . -28.08 -1.78 -5.05
C3 APO C . -29.11 -2.95 -3.21
O4 APO C . -30.14 -2.29 -3.01
O5 APO C . -28.48 -3.54 -2.30
C6 APO C . -29.57 -3.79 -5.48
P7 APO C . -29.32 -3.65 -7.27
O8 APO C . -28.90 -5.06 -7.91
O9 APO C . -28.37 -2.58 -7.67
O10 APO C . -30.80 -3.25 -7.82
C1 GOL D . -29.99 -4.21 -11.19
O1 GOL D . -29.65 -5.26 -10.30
C2 GOL D . -31.34 -3.58 -10.87
O2 GOL D . -32.09 -4.41 -9.97
C3 GOL D . -32.17 -3.32 -12.11
O3 GOL D . -33.49 -2.87 -11.80
C1 GOL E . -9.58 -20.74 -5.83
O1 GOL E . -9.63 -22.15 -6.02
C2 GOL E . -10.72 -20.31 -4.93
O2 GOL E . -10.29 -19.28 -4.05
C3 GOL E . -11.93 -19.87 -5.73
O3 GOL E . -13.08 -19.77 -4.88
C1 GOL F . 2.14 -5.44 -2.50
C1 GOL F . 2.24 -5.03 -2.66
O1 GOL F . 3.52 -5.26 -2.82
O1 GOL F . 3.45 -4.33 -2.93
C2 GOL F . 1.95 -5.69 -1.02
C2 GOL F . 2.51 -6.33 -1.92
O2 GOL F . 3.06 -6.42 -0.50
O2 GOL F . 3.73 -6.22 -1.20
C3 GOL F . 0.67 -6.43 -0.70
C3 GOL F . 1.38 -6.72 -1.00
O3 GOL F . 0.21 -6.15 0.62
O3 GOL F . 0.22 -7.10 -1.72
C1 APO G . -20.46 9.78 27.78
N2 APO G . -19.13 9.28 27.48
C3 APO G . -21.50 9.07 26.96
O4 APO G . -22.00 9.70 26.00
O5 APO G . -21.83 7.90 27.23
C6 APO G . -20.82 9.69 29.26
P7 APO G . -19.55 10.39 30.35
O8 APO G . -19.64 9.54 31.70
O9 APO G . -18.08 10.20 29.73
O10 APO G . -19.77 11.82 30.64
#